data_5XBD
#
_entry.id   5XBD
#
_entity_poly.entity_id   1
_entity_poly.type   'polypeptide(L)'
_entity_poly.pdbx_seq_one_letter_code
;(PCA)CKPNGAKCTEISIPPCCSNFCLRYAGQKSGTCANR
;
_entity_poly.pdbx_strand_id   A
#
# COMPACT_ATOMS: atom_id res chain seq x y z
N CYS A 2 -11.11 5.17 1.95
CA CYS A 2 -9.89 6.01 1.91
C CYS A 2 -8.81 5.36 1.03
N LYS A 3 -8.99 4.07 0.73
CA LYS A 3 -8.04 3.31 -0.10
C LYS A 3 -8.26 3.56 -1.60
N PRO A 4 -7.18 3.56 -2.43
CA PRO A 4 -7.28 3.78 -3.87
C PRO A 4 -7.39 2.48 -4.69
N ASN A 5 -7.07 1.35 -4.03
CA ASN A 5 -7.08 -0.01 -4.64
C ASN A 5 -6.42 -0.02 -6.03
N GLY A 6 -5.12 -0.33 -6.02
CA GLY A 6 -4.33 -0.36 -7.24
C GLY A 6 -3.19 0.65 -7.20
N ALA A 7 -2.89 1.16 -6.00
CA ALA A 7 -1.82 2.16 -5.81
C ALA A 7 -0.52 1.47 -5.37
N LYS A 8 0.57 2.25 -5.23
CA LYS A 8 1.87 1.71 -4.82
C LYS A 8 2.33 2.25 -3.47
N CYS A 9 3.04 1.38 -2.75
CA CYS A 9 3.61 1.70 -1.43
C CYS A 9 5.13 1.64 -1.51
N THR A 10 5.80 2.44 -0.69
CA THR A 10 7.27 2.49 -0.65
C THR A 10 7.78 2.82 0.75
N GLU A 11 9.09 2.58 0.96
CA GLU A 11 9.76 2.82 2.26
C GLU A 11 9.52 4.24 2.81
N ILE A 12 9.23 5.18 1.92
CA ILE A 12 8.99 6.57 2.29
C ILE A 12 7.58 7.07 1.93
N SER A 13 6.78 6.24 1.21
CA SER A 13 5.43 6.66 0.82
C SER A 13 4.40 5.56 1.02
N ILE A 14 3.20 5.98 1.46
CA ILE A 14 2.08 5.07 1.71
C ILE A 14 0.73 5.79 1.50
N PRO A 15 -0.27 5.13 0.86
CA PRO A 15 -1.62 5.70 0.66
C PRO A 15 -2.44 5.71 1.97
N PRO A 16 -3.74 6.17 2.00
CA PRO A 16 -4.53 6.19 3.24
C PRO A 16 -5.04 4.79 3.64
N CYS A 17 -5.79 4.15 2.71
CA CYS A 17 -6.37 2.80 2.89
C CYS A 17 -7.05 2.60 4.25
N CYS A 18 -8.39 2.62 4.21
CA CYS A 18 -9.20 2.44 5.41
C CYS A 18 -9.71 0.99 5.52
N SER A 19 -9.63 0.25 4.42
CA SER A 19 -10.08 -1.16 4.39
C SER A 19 -9.10 -2.06 3.63
N ASN A 20 -8.35 -1.46 2.71
CA ASN A 20 -7.37 -2.21 1.90
C ASN A 20 -6.03 -2.35 2.64
N PHE A 21 -5.01 -2.86 1.94
CA PHE A 21 -3.69 -3.07 2.53
C PHE A 21 -2.62 -2.28 1.79
N CYS A 22 -1.53 -1.98 2.50
CA CYS A 22 -0.39 -1.27 1.92
C CYS A 22 0.82 -2.18 2.04
N LEU A 23 1.28 -2.68 0.89
CA LEU A 23 2.40 -3.61 0.83
C LEU A 23 3.76 -2.91 1.01
N ARG A 24 3.87 -2.19 2.13
CA ARG A 24 5.08 -1.47 2.50
C ARG A 24 5.90 -2.37 3.45
N TYR A 25 6.15 -3.60 2.98
CA TYR A 25 6.91 -4.60 3.74
C TYR A 25 8.40 -4.27 3.82
N ALA A 26 9.09 -4.89 4.79
CA ALA A 26 10.54 -4.67 4.99
C ALA A 26 11.39 -5.29 3.88
N GLY A 27 10.79 -6.22 3.13
CA GLY A 27 11.49 -6.88 2.04
C GLY A 27 11.00 -6.43 0.67
N GLN A 28 10.24 -5.33 0.65
CA GLN A 28 9.70 -4.76 -0.59
C GLN A 28 10.02 -3.28 -0.72
N LYS A 29 10.12 -2.81 -1.96
CA LYS A 29 10.42 -1.40 -2.24
C LYS A 29 9.31 -0.78 -3.12
N SER A 30 8.22 -1.53 -3.31
CA SER A 30 7.08 -1.08 -4.13
C SER A 30 5.88 -1.99 -3.90
N GLY A 31 5.06 -1.64 -2.91
CA GLY A 31 3.87 -2.40 -2.58
C GLY A 31 2.65 -1.92 -3.32
N THR A 32 1.45 -2.34 -2.88
CA THR A 32 0.21 -1.94 -3.54
C THR A 32 -1.00 -1.99 -2.61
N CYS A 33 -1.69 -0.85 -2.49
CA CYS A 33 -2.91 -0.78 -1.69
C CYS A 33 -4.04 -1.44 -2.48
N ALA A 34 -4.47 -2.58 -1.95
CA ALA A 34 -5.49 -3.43 -2.56
C ALA A 34 -6.37 -4.09 -1.49
N ASN A 35 -7.51 -4.66 -1.89
CA ASN A 35 -8.43 -5.30 -0.95
C ASN A 35 -7.98 -6.72 -0.61
N ARG A 36 -8.23 -7.12 0.64
CA ARG A 36 -7.87 -8.46 1.12
C ARG A 36 -9.08 -9.39 1.10
N CYS A 2 -11.21 5.35 1.78
CA CYS A 2 -10.04 6.22 1.56
C CYS A 2 -8.93 5.48 0.79
N LYS A 3 -9.11 4.17 0.57
CA LYS A 3 -8.12 3.35 -0.17
C LYS A 3 -8.27 3.56 -1.69
N PRO A 4 -7.14 3.57 -2.47
CA PRO A 4 -7.19 3.78 -3.92
C PRO A 4 -7.30 2.47 -4.73
N ASN A 5 -7.01 1.34 -4.06
CA ASN A 5 -7.02 -0.02 -4.65
C ASN A 5 -6.33 -0.04 -6.03
N GLY A 6 -5.03 -0.35 -5.99
CA GLY A 6 -4.22 -0.39 -7.20
C GLY A 6 -3.08 0.62 -7.15
N ALA A 7 -2.79 1.14 -5.94
CA ALA A 7 -1.72 2.12 -5.74
C ALA A 7 -0.43 1.44 -5.27
N LYS A 8 0.64 2.23 -5.11
CA LYS A 8 1.93 1.70 -4.68
C LYS A 8 2.34 2.20 -3.29
N CYS A 9 3.05 1.33 -2.57
CA CYS A 9 3.56 1.62 -1.24
C CYS A 9 5.08 1.52 -1.25
N THR A 10 5.75 2.35 -0.44
CA THR A 10 7.21 2.35 -0.36
C THR A 10 7.67 2.77 1.04
N GLU A 11 8.94 2.49 1.35
CA GLU A 11 9.54 2.83 2.66
C GLU A 11 9.57 4.35 2.92
N ILE A 12 9.07 5.13 1.95
CA ILE A 12 9.02 6.57 2.04
C ILE A 12 7.59 7.10 1.92
N SER A 13 6.74 6.38 1.18
CA SER A 13 5.37 6.81 0.96
C SER A 13 4.36 5.67 1.11
N ILE A 14 3.14 6.05 1.51
CA ILE A 14 2.04 5.11 1.72
C ILE A 14 0.67 5.82 1.53
N PRO A 15 -0.33 5.14 0.89
CA PRO A 15 -1.68 5.72 0.68
C PRO A 15 -2.50 5.71 2.01
N PRO A 16 -3.81 6.15 2.02
CA PRO A 16 -4.60 6.16 3.26
C PRO A 16 -5.11 4.76 3.65
N CYS A 17 -5.85 4.12 2.71
CA CYS A 17 -6.43 2.76 2.88
C CYS A 17 -7.16 2.58 4.21
N CYS A 18 -8.49 2.60 4.13
CA CYS A 18 -9.35 2.43 5.30
C CYS A 18 -9.82 0.99 5.46
N SER A 19 -9.79 0.24 4.35
CA SER A 19 -10.21 -1.17 4.36
C SER A 19 -9.22 -2.06 3.60
N ASN A 20 -8.46 -1.45 2.69
CA ASN A 20 -7.46 -2.18 1.90
C ASN A 20 -6.14 -2.32 2.66
N PHE A 21 -5.11 -2.83 1.98
CA PHE A 21 -3.80 -3.03 2.60
C PHE A 21 -2.71 -2.24 1.89
N CYS A 22 -1.64 -1.95 2.62
CA CYS A 22 -0.49 -1.25 2.07
C CYS A 22 0.73 -2.15 2.20
N LEU A 23 1.17 -2.69 1.06
CA LEU A 23 2.31 -3.61 1.03
C LEU A 23 3.66 -2.91 1.17
N ARG A 24 3.75 -2.11 2.23
CA ARG A 24 4.97 -1.37 2.57
C ARG A 24 5.90 -2.29 3.37
N TYR A 25 6.34 -3.36 2.69
CA TYR A 25 7.23 -4.37 3.29
C TYR A 25 8.70 -3.92 3.25
N ALA A 26 9.52 -4.53 4.13
CA ALA A 26 10.95 -4.20 4.21
C ALA A 26 11.78 -4.95 3.16
N GLY A 27 11.18 -5.99 2.56
CA GLY A 27 11.85 -6.76 1.53
C GLY A 27 11.16 -6.69 0.18
N GLN A 28 10.49 -5.56 -0.08
CA GLN A 28 9.78 -5.35 -1.35
C GLN A 28 10.13 -3.99 -1.94
N LYS A 29 10.09 -2.95 -1.09
CA LYS A 29 10.40 -1.55 -1.48
C LYS A 29 9.39 -0.99 -2.50
N SER A 30 8.30 -1.74 -2.75
CA SER A 30 7.25 -1.34 -3.70
C SER A 30 6.02 -2.23 -3.52
N GLY A 31 5.12 -1.79 -2.64
CA GLY A 31 3.89 -2.53 -2.36
C GLY A 31 2.71 -1.99 -3.13
N THR A 32 1.48 -2.38 -2.72
CA THR A 32 0.27 -1.94 -3.39
C THR A 32 -0.94 -1.99 -2.48
N CYS A 33 -1.67 -0.86 -2.42
CA CYS A 33 -2.91 -0.78 -1.64
C CYS A 33 -4.02 -1.44 -2.43
N ALA A 34 -4.50 -2.58 -1.89
CA ALA A 34 -5.53 -3.40 -2.52
C ALA A 34 -6.41 -4.06 -1.45
N ASN A 35 -7.55 -4.61 -1.87
CA ASN A 35 -8.49 -5.27 -0.94
C ASN A 35 -8.06 -6.70 -0.62
N ARG A 36 -8.32 -7.12 0.61
CA ARG A 36 -7.98 -8.46 1.08
C ARG A 36 -9.20 -9.37 1.05
N CYS A 2 -11.35 5.20 1.53
CA CYS A 2 -10.11 5.97 1.38
C CYS A 2 -9.14 5.26 0.42
N LYS A 3 -9.16 3.94 0.46
CA LYS A 3 -8.32 3.08 -0.40
C LYS A 3 -8.75 3.16 -1.88
N PRO A 4 -7.78 3.14 -2.85
CA PRO A 4 -8.08 3.19 -4.28
C PRO A 4 -8.04 1.82 -4.98
N ASN A 5 -7.54 0.80 -4.26
CA ASN A 5 -7.37 -0.59 -4.75
C ASN A 5 -6.29 -0.68 -5.85
N GLY A 6 -5.48 0.38 -5.97
CA GLY A 6 -4.43 0.41 -6.98
C GLY A 6 -3.36 1.47 -6.73
N ALA A 7 -2.99 1.67 -5.47
CA ALA A 7 -1.96 2.65 -5.10
C ALA A 7 -0.64 1.95 -4.80
N LYS A 8 0.47 2.71 -4.86
CA LYS A 8 1.80 2.16 -4.60
C LYS A 8 2.29 2.47 -3.19
N CYS A 9 3.09 1.55 -2.65
CA CYS A 9 3.68 1.68 -1.31
C CYS A 9 5.19 1.63 -1.41
N THR A 10 5.86 2.36 -0.51
CA THR A 10 7.33 2.41 -0.47
C THR A 10 7.83 2.66 0.95
N GLU A 11 9.13 2.42 1.17
CA GLU A 11 9.78 2.58 2.50
C GLU A 11 9.60 3.99 3.07
N ILE A 12 9.29 4.94 2.19
CA ILE A 12 9.10 6.33 2.59
C ILE A 12 7.69 6.86 2.29
N SER A 13 6.88 6.10 1.53
CA SER A 13 5.52 6.55 1.18
C SER A 13 4.50 5.44 1.33
N ILE A 14 3.28 5.84 1.73
CA ILE A 14 2.16 4.90 1.92
C ILE A 14 0.81 5.59 1.66
N PRO A 15 -0.18 4.87 1.03
CA PRO A 15 -1.52 5.41 0.76
C PRO A 15 -2.39 5.47 2.05
N PRO A 16 -3.68 5.94 1.99
CA PRO A 16 -4.53 5.99 3.20
C PRO A 16 -5.12 4.62 3.54
N CYS A 17 -5.79 4.00 2.54
CA CYS A 17 -6.43 2.67 2.65
C CYS A 17 -7.15 2.46 3.98
N CYS A 18 -8.47 2.69 3.96
CA CYS A 18 -9.30 2.54 5.15
C CYS A 18 -9.89 1.13 5.27
N SER A 19 -9.74 0.32 4.20
CA SER A 19 -10.26 -1.06 4.19
C SER A 19 -9.33 -2.04 3.45
N ASN A 20 -8.39 -1.51 2.67
CA ASN A 20 -7.46 -2.35 1.91
C ASN A 20 -6.10 -2.46 2.62
N PHE A 21 -5.06 -2.87 1.87
CA PHE A 21 -3.72 -3.03 2.44
C PHE A 21 -2.69 -2.13 1.76
N CYS A 22 -1.49 -2.13 2.33
CA CYS A 22 -0.35 -1.39 1.81
C CYS A 22 0.86 -2.32 1.87
N LEU A 23 1.31 -2.74 0.68
CA LEU A 23 2.44 -3.68 0.58
C LEU A 23 3.80 -3.00 0.82
N ARG A 24 3.89 -2.34 1.97
CA ARG A 24 5.09 -1.64 2.41
C ARG A 24 5.92 -2.61 3.28
N TYR A 25 6.24 -3.76 2.69
CA TYR A 25 7.01 -4.82 3.37
C TYR A 25 8.49 -4.44 3.53
N ALA A 26 9.16 -5.08 4.50
CA ALA A 26 10.59 -4.82 4.78
C ALA A 26 11.50 -5.33 3.66
N GLY A 27 11.00 -6.29 2.88
CA GLY A 27 11.75 -6.85 1.77
C GLY A 27 11.37 -6.24 0.43
N GLN A 28 10.23 -5.55 0.40
CA GLN A 28 9.73 -4.89 -0.81
C GLN A 28 10.08 -3.41 -0.81
N LYS A 29 10.20 -2.85 -2.02
CA LYS A 29 10.53 -1.43 -2.19
C LYS A 29 9.46 -0.72 -3.05
N SER A 30 8.36 -1.44 -3.36
CA SER A 30 7.27 -0.90 -4.19
C SER A 30 6.04 -1.81 -4.05
N GLY A 31 5.29 -1.58 -2.97
CA GLY A 31 4.09 -2.37 -2.72
C GLY A 31 2.86 -1.77 -3.37
N THR A 32 1.67 -2.15 -2.87
CA THR A 32 0.42 -1.64 -3.44
C THR A 32 -0.78 -1.84 -2.50
N CYS A 33 -1.77 -0.99 -2.70
CA CYS A 33 -3.04 -1.04 -2.00
C CYS A 33 -4.03 -1.75 -2.92
N ALA A 34 -4.71 -2.77 -2.40
CA ALA A 34 -5.64 -3.56 -3.21
C ALA A 34 -6.90 -3.96 -2.43
N ASN A 35 -6.77 -4.96 -1.55
CA ASN A 35 -7.88 -5.45 -0.71
C ASN A 35 -7.37 -6.32 0.44
N ARG A 36 -7.69 -5.90 1.67
CA ARG A 36 -7.28 -6.62 2.88
C ARG A 36 -8.45 -7.47 3.40
N CYS A 2 -11.19 5.24 2.05
CA CYS A 2 -10.06 6.12 1.75
C CYS A 2 -8.97 5.40 0.94
N LYS A 3 -9.15 4.09 0.72
CA LYS A 3 -8.19 3.27 -0.05
C LYS A 3 -8.26 3.58 -1.56
N PRO A 4 -7.12 3.60 -2.31
CA PRO A 4 -7.12 3.88 -3.75
C PRO A 4 -7.20 2.61 -4.62
N ASN A 5 -6.90 1.45 -4.00
CA ASN A 5 -6.88 0.12 -4.67
C ASN A 5 -6.15 0.16 -6.02
N GLY A 6 -4.89 -0.26 -5.98
CA GLY A 6 -4.04 -0.26 -7.16
C GLY A 6 -2.92 0.75 -7.07
N ALA A 7 -2.65 1.24 -5.85
CA ALA A 7 -1.61 2.24 -5.61
C ALA A 7 -0.34 1.58 -5.09
N LYS A 8 0.82 2.11 -5.47
CA LYS A 8 2.11 1.56 -5.06
C LYS A 8 2.61 2.16 -3.74
N CYS A 9 3.08 1.28 -2.86
CA CYS A 9 3.64 1.66 -1.56
C CYS A 9 5.16 1.59 -1.63
N THR A 10 5.83 2.43 -0.83
CA THR A 10 7.30 2.48 -0.79
C THR A 10 7.78 2.83 0.61
N GLU A 11 9.10 2.63 0.83
CA GLU A 11 9.76 2.91 2.12
C GLU A 11 9.48 4.32 2.66
N ILE A 12 9.17 5.25 1.76
CA ILE A 12 8.90 6.64 2.12
C ILE A 12 7.49 7.10 1.72
N SER A 13 6.71 6.24 1.04
CA SER A 13 5.35 6.62 0.61
C SER A 13 4.34 5.51 0.83
N ILE A 14 3.14 5.93 1.29
CA ILE A 14 2.01 5.02 1.56
C ILE A 14 0.68 5.76 1.41
N PRO A 15 -0.38 5.12 0.81
CA PRO A 15 -1.71 5.75 0.67
C PRO A 15 -2.49 5.70 2.02
N PRO A 16 -3.82 6.09 2.09
CA PRO A 16 -4.57 6.06 3.35
C PRO A 16 -5.02 4.64 3.74
N CYS A 17 -5.66 3.93 2.79
CA CYS A 17 -6.18 2.55 2.98
C CYS A 17 -6.95 2.39 4.30
N CYS A 18 -8.28 2.45 4.20
CA CYS A 18 -9.16 2.31 5.37
C CYS A 18 -9.56 0.86 5.61
N SER A 19 -9.66 0.09 4.53
CA SER A 19 -10.02 -1.32 4.60
C SER A 19 -9.06 -2.18 3.78
N ASN A 20 -8.30 -1.54 2.89
CA ASN A 20 -7.34 -2.22 2.03
C ASN A 20 -5.98 -2.36 2.73
N PHE A 21 -4.99 -2.89 2.01
CA PHE A 21 -3.66 -3.10 2.56
C PHE A 21 -2.59 -2.33 1.79
N CYS A 22 -1.50 -2.00 2.47
CA CYS A 22 -0.38 -1.31 1.86
C CYS A 22 0.84 -2.22 2.01
N LEU A 23 1.30 -2.76 0.87
CA LEU A 23 2.42 -3.69 0.85
C LEU A 23 3.78 -2.98 1.00
N ARG A 24 3.88 -2.22 2.09
CA ARG A 24 5.09 -1.49 2.44
C ARG A 24 5.93 -2.35 3.40
N TYR A 25 6.19 -3.59 2.96
CA TYR A 25 6.94 -4.58 3.75
C TYR A 25 8.41 -4.16 3.93
N ALA A 26 9.07 -4.76 4.94
CA ALA A 26 10.49 -4.46 5.24
C ALA A 26 11.44 -4.98 4.16
N GLY A 27 10.94 -5.91 3.33
CA GLY A 27 11.73 -6.47 2.25
C GLY A 27 11.27 -6.01 0.87
N GLN A 28 10.13 -5.30 0.85
CA GLN A 28 9.56 -4.78 -0.40
C GLN A 28 9.94 -3.32 -0.61
N LYS A 29 10.02 -2.92 -1.88
CA LYS A 29 10.36 -1.54 -2.25
C LYS A 29 9.26 -0.93 -3.11
N SER A 30 8.17 -1.70 -3.33
CA SER A 30 7.03 -1.26 -4.16
C SER A 30 5.82 -2.15 -3.87
N GLY A 31 4.98 -1.72 -2.93
CA GLY A 31 3.79 -2.47 -2.58
C GLY A 31 2.57 -2.03 -3.37
N THR A 32 1.37 -2.46 -2.93
CA THR A 32 0.14 -2.09 -3.64
C THR A 32 -1.08 -2.11 -2.73
N CYS A 33 -1.63 -0.92 -2.45
CA CYS A 33 -2.85 -0.81 -1.65
C CYS A 33 -4.01 -1.41 -2.44
N ALA A 34 -4.47 -2.55 -1.95
CA ALA A 34 -5.53 -3.34 -2.56
C ALA A 34 -6.43 -3.95 -1.50
N ASN A 35 -7.62 -4.40 -1.90
CA ASN A 35 -8.59 -4.99 -0.97
C ASN A 35 -8.47 -6.51 -0.94
N ARG A 36 -8.50 -7.06 0.28
CA ARG A 36 -8.39 -8.49 0.50
C ARG A 36 -9.77 -9.12 0.69
N CYS A 2 -11.20 5.22 1.78
CA CYS A 2 -10.00 6.04 1.73
C CYS A 2 -8.89 5.39 0.88
N LYS A 3 -9.06 4.09 0.60
CA LYS A 3 -8.08 3.32 -0.19
C LYS A 3 -8.28 3.55 -1.70
N PRO A 4 -7.17 3.54 -2.50
CA PRO A 4 -7.23 3.75 -3.95
C PRO A 4 -7.33 2.44 -4.75
N ASN A 5 -7.02 1.31 -4.06
CA ASN A 5 -7.03 -0.06 -4.66
C ASN A 5 -6.33 -0.08 -6.03
N GLY A 6 -5.04 -0.37 -6.01
CA GLY A 6 -4.22 -0.41 -7.20
C GLY A 6 -3.08 0.60 -7.16
N ALA A 7 -2.80 1.12 -5.95
CA ALA A 7 -1.73 2.10 -5.76
C ALA A 7 -0.44 1.43 -5.29
N LYS A 8 0.63 2.21 -5.12
CA LYS A 8 1.92 1.69 -4.67
C LYS A 8 2.32 2.20 -3.29
N CYS A 9 3.04 1.34 -2.56
CA CYS A 9 3.55 1.63 -1.22
C CYS A 9 5.08 1.54 -1.24
N THR A 10 5.72 2.37 -0.43
CA THR A 10 7.19 2.39 -0.34
C THR A 10 7.66 2.78 1.06
N GLU A 11 8.94 2.52 1.34
CA GLU A 11 9.58 2.83 2.64
C GLU A 11 9.35 4.27 3.12
N ILE A 12 9.10 5.17 2.17
CA ILE A 12 8.88 6.58 2.47
C ILE A 12 7.49 7.09 2.03
N SER A 13 6.71 6.23 1.33
CA SER A 13 5.38 6.65 0.87
C SER A 13 4.33 5.57 1.09
N ILE A 14 3.14 6.01 1.51
CA ILE A 14 2.00 5.11 1.76
C ILE A 14 0.66 5.84 1.52
N PRO A 15 -0.34 5.17 0.87
CA PRO A 15 -1.67 5.77 0.63
C PRO A 15 -2.52 5.78 1.94
N PRO A 16 -3.82 6.22 1.94
CA PRO A 16 -4.64 6.27 3.16
C PRO A 16 -5.16 4.87 3.57
N CYS A 17 -5.89 4.21 2.64
CA CYS A 17 -6.46 2.86 2.83
C CYS A 17 -7.17 2.68 4.18
N CYS A 18 -8.51 2.71 4.13
CA CYS A 18 -9.34 2.55 5.32
C CYS A 18 -9.85 1.10 5.44
N SER A 19 -9.76 0.34 4.35
CA SER A 19 -10.22 -1.06 4.35
C SER A 19 -9.23 -1.99 3.62
N ASN A 20 -8.47 -1.41 2.69
CA ASN A 20 -7.49 -2.18 1.91
C ASN A 20 -6.16 -2.31 2.67
N PHE A 21 -5.13 -2.82 1.99
CA PHE A 21 -3.82 -3.02 2.60
C PHE A 21 -2.72 -2.23 1.89
N CYS A 22 -1.65 -1.93 2.62
CA CYS A 22 -0.51 -1.23 2.07
C CYS A 22 0.71 -2.13 2.21
N LEU A 23 1.17 -2.67 1.08
CA LEU A 23 2.30 -3.59 1.06
C LEU A 23 3.66 -2.88 1.20
N ARG A 24 3.75 -2.10 2.27
CA ARG A 24 4.97 -1.35 2.60
C ARG A 24 5.93 -2.27 3.37
N TYR A 25 6.35 -3.34 2.69
CA TYR A 25 7.26 -4.34 3.25
C TYR A 25 8.72 -3.92 3.14
N ALA A 26 9.58 -4.53 3.97
CA ALA A 26 11.02 -4.24 3.98
C ALA A 26 11.77 -5.04 2.91
N GLY A 27 11.14 -6.11 2.42
CA GLY A 27 11.76 -6.95 1.39
C GLY A 27 11.10 -6.79 0.02
N GLN A 28 10.45 -5.64 -0.20
CA GLN A 28 9.77 -5.36 -1.47
C GLN A 28 10.13 -3.97 -1.99
N LYS A 29 10.09 -2.98 -1.09
CA LYS A 29 10.39 -1.56 -1.39
C LYS A 29 9.39 -0.96 -2.41
N SER A 30 8.30 -1.70 -2.68
CA SER A 30 7.26 -1.26 -3.63
C SER A 30 6.03 -2.17 -3.48
N GLY A 31 5.12 -1.76 -2.59
CA GLY A 31 3.90 -2.53 -2.34
C GLY A 31 2.72 -1.99 -3.12
N THR A 32 1.50 -2.37 -2.70
CA THR A 32 0.28 -1.94 -3.38
C THR A 32 -0.94 -1.98 -2.47
N CYS A 33 -1.66 -0.85 -2.41
CA CYS A 33 -2.89 -0.76 -1.64
C CYS A 33 -4.01 -1.44 -2.43
N ALA A 34 -4.45 -2.58 -1.90
CA ALA A 34 -5.46 -3.43 -2.52
C ALA A 34 -6.34 -4.08 -1.45
N ASN A 35 -7.47 -4.68 -1.88
CA ASN A 35 -8.41 -5.33 -0.96
C ASN A 35 -7.92 -6.71 -0.52
N ARG A 36 -8.21 -7.05 0.74
CA ARG A 36 -7.82 -8.34 1.31
C ARG A 36 -8.98 -9.33 1.27
N CYS A 2 -10.98 5.33 1.96
CA CYS A 2 -9.75 6.14 1.90
C CYS A 2 -8.69 5.48 1.00
N LYS A 3 -8.88 4.19 0.73
CA LYS A 3 -7.95 3.41 -0.11
C LYS A 3 -8.20 3.67 -1.61
N PRO A 4 -7.13 3.70 -2.47
CA PRO A 4 -7.27 3.95 -3.90
C PRO A 4 -7.41 2.65 -4.72
N ASN A 5 -7.14 1.50 -4.08
CA ASN A 5 -7.17 0.15 -4.68
C ASN A 5 -6.48 0.12 -6.05
N GLY A 6 -5.20 -0.27 -6.02
CA GLY A 6 -4.39 -0.35 -7.22
C GLY A 6 -3.17 0.58 -7.15
N ALA A 7 -2.89 1.09 -5.94
CA ALA A 7 -1.76 2.01 -5.73
C ALA A 7 -0.56 1.28 -5.10
N LYS A 8 0.61 1.93 -5.13
CA LYS A 8 1.83 1.35 -4.57
C LYS A 8 2.09 1.85 -3.14
N CYS A 9 2.85 1.03 -2.40
CA CYS A 9 3.22 1.33 -1.02
C CYS A 9 4.74 1.19 -0.87
N THR A 10 5.45 2.28 -1.22
CA THR A 10 6.92 2.33 -1.17
C THR A 10 7.43 2.26 0.27
N GLU A 11 8.73 1.96 0.42
CA GLU A 11 9.39 1.85 1.73
C GLU A 11 9.29 3.15 2.54
N ILE A 12 9.15 4.27 1.83
CA ILE A 12 9.04 5.58 2.44
C ILE A 12 7.70 6.27 2.11
N SER A 13 6.88 5.64 1.24
CA SER A 13 5.60 6.23 0.85
C SER A 13 4.47 5.22 0.94
N ILE A 14 3.31 5.70 1.43
CA ILE A 14 2.13 4.84 1.59
C ILE A 14 0.83 5.65 1.44
N PRO A 15 -0.19 5.12 0.70
CA PRO A 15 -1.50 5.79 0.52
C PRO A 15 -2.32 5.80 1.84
N PRO A 16 -3.62 6.26 1.87
CA PRO A 16 -4.40 6.29 3.13
C PRO A 16 -4.89 4.90 3.55
N CYS A 17 -5.65 4.24 2.64
CA CYS A 17 -6.22 2.88 2.87
C CYS A 17 -6.93 2.73 4.22
N CYS A 18 -8.26 2.71 4.16
CA CYS A 18 -9.09 2.57 5.36
C CYS A 18 -9.62 1.14 5.51
N SER A 19 -9.56 0.36 4.42
CA SER A 19 -10.04 -1.04 4.45
C SER A 19 -9.15 -1.98 3.64
N ASN A 20 -8.40 -1.42 2.68
CA ASN A 20 -7.51 -2.21 1.82
C ASN A 20 -6.19 -2.55 2.56
N PHE A 21 -5.20 -3.05 1.82
CA PHE A 21 -3.92 -3.42 2.41
C PHE A 21 -2.75 -2.64 1.81
N CYS A 22 -1.67 -2.52 2.58
CA CYS A 22 -0.47 -1.83 2.14
C CYS A 22 0.69 -2.81 2.14
N LEU A 23 1.25 -3.06 0.94
CA LEU A 23 2.36 -4.00 0.78
C LEU A 23 3.72 -3.34 1.01
N ARG A 24 3.76 -2.51 2.06
CA ARG A 24 4.98 -1.81 2.47
C ARG A 24 5.84 -2.76 3.32
N TYR A 25 6.49 -3.71 2.63
CA TYR A 25 7.34 -4.72 3.26
C TYR A 25 8.61 -4.11 3.87
N ALA A 26 9.35 -4.91 4.65
CA ALA A 26 10.60 -4.46 5.29
C ALA A 26 11.78 -4.45 4.32
N GLY A 27 11.68 -5.25 3.25
CA GLY A 27 12.75 -5.33 2.26
C GLY A 27 12.25 -5.05 0.85
N GLN A 28 11.21 -4.22 0.73
CA GLN A 28 10.63 -3.86 -0.56
C GLN A 28 10.30 -2.37 -0.62
N LYS A 29 10.32 -1.81 -1.83
CA LYS A 29 10.02 -0.39 -2.05
C LYS A 29 8.94 -0.22 -3.12
N SER A 30 7.93 -1.11 -3.11
CA SER A 30 6.83 -1.09 -4.07
C SER A 30 5.68 -1.96 -3.54
N GLY A 31 4.85 -1.36 -2.68
CA GLY A 31 3.73 -2.07 -2.10
C GLY A 31 2.48 -2.00 -2.97
N THR A 32 1.31 -2.35 -2.38
CA THR A 32 0.06 -2.36 -3.11
C THR A 32 -1.14 -2.14 -2.19
N CYS A 33 -1.83 -1.01 -2.38
CA CYS A 33 -3.06 -0.74 -1.64
C CYS A 33 -4.21 -1.29 -2.46
N ALA A 34 -4.64 -2.49 -2.06
CA ALA A 34 -5.68 -3.25 -2.73
C ALA A 34 -6.59 -3.92 -1.70
N ASN A 35 -7.73 -4.46 -2.15
CA ASN A 35 -8.70 -5.10 -1.25
C ASN A 35 -8.27 -6.53 -0.88
N ARG A 36 -8.66 -6.93 0.33
CA ARG A 36 -8.34 -8.26 0.87
C ARG A 36 -9.39 -9.31 0.47
N CYS A 2 -11.12 5.37 1.93
CA CYS A 2 -9.96 6.22 1.65
C CYS A 2 -8.86 5.49 0.85
N LYS A 3 -9.06 4.18 0.60
CA LYS A 3 -8.10 3.37 -0.16
C LYS A 3 -8.26 3.60 -1.67
N PRO A 4 -7.15 3.59 -2.47
CA PRO A 4 -7.21 3.80 -3.92
C PRO A 4 -7.34 2.50 -4.72
N ASN A 5 -7.05 1.37 -4.05
CA ASN A 5 -7.08 0.00 -4.64
C ASN A 5 -6.39 -0.03 -6.02
N GLY A 6 -5.11 -0.36 -6.00
CA GLY A 6 -4.29 -0.41 -7.20
C GLY A 6 -3.15 0.59 -7.17
N ALA A 7 -2.85 1.13 -5.97
CA ALA A 7 -1.77 2.10 -5.79
C ALA A 7 -0.48 1.41 -5.34
N LYS A 8 0.60 2.19 -5.20
CA LYS A 8 1.90 1.64 -4.78
C LYS A 8 2.38 2.22 -3.46
N CYS A 9 3.05 1.36 -2.69
CA CYS A 9 3.63 1.71 -1.40
C CYS A 9 5.15 1.66 -1.49
N THR A 10 5.83 2.44 -0.64
CA THR A 10 7.29 2.49 -0.63
C THR A 10 7.81 2.78 0.78
N GLU A 11 9.11 2.54 1.00
CA GLU A 11 9.76 2.76 2.31
C GLU A 11 9.71 4.23 2.77
N ILE A 12 9.15 5.10 1.92
CA ILE A 12 9.03 6.52 2.21
C ILE A 12 7.62 7.04 1.98
N SER A 13 6.78 6.29 1.23
CA SER A 13 5.42 6.71 0.93
C SER A 13 4.41 5.59 1.11
N ILE A 14 3.19 5.98 1.52
CA ILE A 14 2.08 5.05 1.74
C ILE A 14 0.73 5.76 1.53
N PRO A 15 -0.28 5.09 0.89
CA PRO A 15 -1.63 5.67 0.69
C PRO A 15 -2.45 5.66 2.00
N PRO A 16 -3.75 6.11 2.03
CA PRO A 16 -4.56 6.11 3.26
C PRO A 16 -5.06 4.71 3.64
N CYS A 17 -5.78 4.06 2.70
CA CYS A 17 -6.35 2.71 2.86
C CYS A 17 -7.09 2.53 4.20
N CYS A 18 -8.42 2.57 4.12
CA CYS A 18 -9.28 2.42 5.29
C CYS A 18 -9.77 0.97 5.42
N SER A 19 -9.73 0.23 4.31
CA SER A 19 -10.15 -1.18 4.29
C SER A 19 -9.17 -2.05 3.52
N ASN A 20 -8.35 -1.42 2.67
CA ASN A 20 -7.36 -2.13 1.86
C ASN A 20 -6.04 -2.29 2.63
N PHE A 21 -5.03 -2.82 1.95
CA PHE A 21 -3.72 -3.04 2.55
C PHE A 21 -2.62 -2.27 1.82
N CYS A 22 -1.53 -2.01 2.54
CA CYS A 22 -0.37 -1.32 1.96
C CYS A 22 0.83 -2.26 2.06
N LEU A 23 1.30 -2.72 0.89
CA LEU A 23 2.42 -3.66 0.82
C LEU A 23 3.77 -2.96 1.01
N ARG A 24 3.85 -2.22 2.11
CA ARG A 24 5.06 -1.50 2.50
C ARG A 24 5.90 -2.41 3.41
N TYR A 25 6.18 -3.62 2.91
CA TYR A 25 6.94 -4.64 3.63
C TYR A 25 8.42 -4.26 3.79
N ALA A 26 9.10 -4.92 4.73
CA ALA A 26 10.52 -4.68 5.00
C ALA A 26 11.43 -5.20 3.88
N GLY A 27 10.90 -6.17 3.11
CA GLY A 27 11.64 -6.75 2.01
C GLY A 27 11.08 -6.32 0.66
N GLN A 28 10.36 -5.20 0.64
CA GLN A 28 9.76 -4.67 -0.59
C GLN A 28 10.08 -3.19 -0.75
N LYS A 29 10.11 -2.74 -2.01
CA LYS A 29 10.41 -1.34 -2.33
C LYS A 29 9.27 -0.72 -3.17
N SER A 30 8.18 -1.50 -3.35
CA SER A 30 7.02 -1.05 -4.14
C SER A 30 5.83 -1.97 -3.88
N GLY A 31 5.01 -1.59 -2.88
CA GLY A 31 3.84 -2.37 -2.53
C GLY A 31 2.61 -1.94 -3.31
N THR A 32 1.42 -2.37 -2.85
CA THR A 32 0.17 -2.02 -3.54
C THR A 32 -1.04 -2.05 -2.61
N CYS A 33 -1.71 -0.90 -2.49
CA CYS A 33 -2.93 -0.80 -1.69
C CYS A 33 -4.08 -1.44 -2.48
N ALA A 34 -4.53 -2.58 -1.94
CA ALA A 34 -5.57 -3.40 -2.55
C ALA A 34 -6.43 -4.07 -1.46
N ASN A 35 -7.55 -4.69 -1.87
CA ASN A 35 -8.45 -5.35 -0.92
C ASN A 35 -7.97 -6.75 -0.57
N ARG A 36 -8.24 -7.16 0.67
CA ARG A 36 -7.84 -8.48 1.17
C ARG A 36 -9.02 -9.46 1.12
N CYS A 2 -9.63 6.54 2.62
CA CYS A 2 -9.96 5.23 2.03
C CYS A 2 -8.89 4.75 1.03
N LYS A 3 -9.06 3.49 0.61
CA LYS A 3 -8.14 2.82 -0.32
C LYS A 3 -8.47 3.09 -1.79
N PRO A 4 -7.43 3.13 -2.67
CA PRO A 4 -7.61 3.36 -4.12
C PRO A 4 -7.61 2.04 -4.93
N ASN A 5 -7.21 0.93 -4.26
CA ASN A 5 -7.09 -0.42 -4.85
C ASN A 5 -6.40 -0.40 -6.22
N GLY A 6 -5.09 -0.65 -6.19
CA GLY A 6 -4.28 -0.65 -7.39
C GLY A 6 -3.18 0.41 -7.33
N ALA A 7 -2.90 0.92 -6.12
CA ALA A 7 -1.87 1.95 -5.93
C ALA A 7 -0.56 1.33 -5.45
N LYS A 8 0.50 2.16 -5.31
CA LYS A 8 1.81 1.67 -4.87
C LYS A 8 2.20 2.21 -3.50
N CYS A 9 2.98 1.39 -2.78
CA CYS A 9 3.50 1.72 -1.46
C CYS A 9 5.02 1.71 -1.49
N THR A 10 5.64 2.51 -0.63
CA THR A 10 7.10 2.60 -0.55
C THR A 10 7.55 2.92 0.88
N GLU A 11 8.86 2.71 1.14
CA GLU A 11 9.48 2.96 2.46
C GLU A 11 9.24 4.38 2.98
N ILE A 12 8.93 5.28 2.06
CA ILE A 12 8.68 6.69 2.38
C ILE A 12 7.27 7.16 2.02
N SER A 13 6.50 6.34 1.28
CA SER A 13 5.14 6.73 0.88
C SER A 13 4.14 5.60 1.06
N ILE A 14 2.91 5.98 1.45
CA ILE A 14 1.81 5.04 1.67
C ILE A 14 0.45 5.72 1.42
N PRO A 15 -0.51 5.01 0.75
CA PRO A 15 -1.87 5.55 0.50
C PRO A 15 -2.72 5.56 1.79
N PRO A 16 -4.03 5.98 1.76
CA PRO A 16 -4.87 6.01 2.98
C PRO A 16 -5.38 4.61 3.38
N CYS A 17 -6.05 3.93 2.43
CA CYS A 17 -6.61 2.57 2.60
C CYS A 17 -7.45 2.41 3.88
N CYS A 18 -8.78 2.31 3.68
CA CYS A 18 -9.73 2.14 4.77
C CYS A 18 -10.02 0.66 5.07
N SER A 19 -9.88 -0.19 4.04
CA SER A 19 -10.15 -1.64 4.19
C SER A 19 -9.10 -2.50 3.49
N ASN A 20 -8.43 -1.93 2.49
CA ASN A 20 -7.41 -2.65 1.72
C ASN A 20 -6.07 -2.72 2.47
N PHE A 21 -5.02 -3.20 1.80
CA PHE A 21 -3.70 -3.33 2.41
C PHE A 21 -2.65 -2.51 1.68
N CYS A 22 -1.59 -2.14 2.39
CA CYS A 22 -0.48 -1.39 1.82
C CYS A 22 0.77 -2.24 1.99
N LEU A 23 1.28 -2.75 0.87
CA LEU A 23 2.45 -3.63 0.86
C LEU A 23 3.76 -2.87 1.07
N ARG A 24 3.82 -2.17 2.20
CA ARG A 24 4.99 -1.41 2.61
C ARG A 24 5.84 -2.26 3.56
N TYR A 25 6.20 -3.47 3.06
CA TYR A 25 7.00 -4.43 3.81
C TYR A 25 8.47 -4.03 3.90
N ALA A 26 9.20 -4.63 4.85
CA ALA A 26 10.63 -4.34 5.07
C ALA A 26 11.50 -4.91 3.94
N GLY A 27 10.97 -5.91 3.24
CA GLY A 27 11.68 -6.54 2.14
C GLY A 27 11.27 -5.98 0.78
N GLN A 28 10.13 -5.28 0.76
CA GLN A 28 9.61 -4.67 -0.47
C GLN A 28 9.97 -3.19 -0.55
N LYS A 29 10.08 -2.70 -1.79
CA LYS A 29 10.41 -1.30 -2.04
C LYS A 29 9.31 -0.63 -2.89
N SER A 30 8.25 -1.40 -3.20
CA SER A 30 7.12 -0.93 -4.01
C SER A 30 5.93 -1.86 -3.83
N GLY A 31 5.12 -1.57 -2.80
CA GLY A 31 3.95 -2.38 -2.52
C GLY A 31 2.72 -1.92 -3.27
N THR A 32 1.53 -2.38 -2.85
CA THR A 32 0.30 -2.01 -3.53
C THR A 32 -0.92 -2.11 -2.63
N CYS A 33 -1.68 -1.00 -2.56
CA CYS A 33 -2.93 -0.97 -1.79
C CYS A 33 -4.01 -1.68 -2.60
N ALA A 34 -4.34 -2.87 -2.11
CA ALA A 34 -5.31 -3.77 -2.75
C ALA A 34 -6.21 -4.41 -1.71
N ASN A 35 -7.37 -4.91 -2.15
CA ASN A 35 -8.35 -5.52 -1.25
C ASN A 35 -8.19 -7.03 -1.17
N ARG A 36 -8.27 -7.55 0.05
CA ARG A 36 -8.14 -8.99 0.31
C ARG A 36 -9.51 -9.64 0.46
N CYS A 2 -11.25 5.35 1.90
CA CYS A 2 -10.08 6.20 1.64
C CYS A 2 -8.98 5.46 0.87
N LYS A 3 -9.19 4.15 0.63
CA LYS A 3 -8.23 3.32 -0.11
C LYS A 3 -8.28 3.62 -1.63
N PRO A 4 -7.12 3.60 -2.35
CA PRO A 4 -7.10 3.86 -3.80
C PRO A 4 -7.18 2.59 -4.66
N ASN A 5 -6.89 1.43 -4.02
CA ASN A 5 -6.88 0.09 -4.68
C ASN A 5 -6.15 0.11 -6.02
N GLY A 6 -4.89 -0.29 -5.98
CA GLY A 6 -4.04 -0.30 -7.16
C GLY A 6 -2.89 0.69 -7.06
N ALA A 7 -2.66 1.20 -5.84
CA ALA A 7 -1.58 2.18 -5.59
C ALA A 7 -0.34 1.48 -5.04
N LYS A 8 0.83 2.07 -5.29
CA LYS A 8 2.10 1.50 -4.83
C LYS A 8 2.56 2.07 -3.49
N CYS A 9 3.00 1.16 -2.63
CA CYS A 9 3.52 1.51 -1.30
C CYS A 9 5.05 1.42 -1.31
N THR A 10 5.71 2.30 -0.56
CA THR A 10 7.17 2.30 -0.48
C THR A 10 7.66 2.75 0.90
N GLU A 11 8.97 2.57 1.14
CA GLU A 11 9.61 2.93 2.43
C GLU A 11 9.44 4.41 2.79
N ILE A 12 9.08 5.21 1.80
CA ILE A 12 8.88 6.65 1.98
C ILE A 12 7.45 7.11 1.64
N SER A 13 6.66 6.24 0.98
CA SER A 13 5.29 6.61 0.60
C SER A 13 4.28 5.51 0.86
N ILE A 14 3.09 5.94 1.31
CA ILE A 14 1.97 5.03 1.63
C ILE A 14 0.62 5.78 1.47
N PRO A 15 -0.43 5.13 0.88
CA PRO A 15 -1.76 5.75 0.73
C PRO A 15 -2.55 5.71 2.08
N PRO A 16 -3.87 6.11 2.13
CA PRO A 16 -4.63 6.07 3.39
C PRO A 16 -5.11 4.66 3.77
N CYS A 17 -5.75 3.96 2.79
CA CYS A 17 -6.29 2.60 2.96
C CYS A 17 -7.12 2.45 4.25
N CYS A 18 -8.45 2.50 4.12
CA CYS A 18 -9.37 2.37 5.25
C CYS A 18 -9.77 0.92 5.49
N SER A 19 -9.85 0.15 4.39
CA SER A 19 -10.21 -1.26 4.45
C SER A 19 -9.23 -2.12 3.68
N ASN A 20 -8.46 -1.49 2.78
CA ASN A 20 -7.47 -2.17 1.96
C ASN A 20 -6.14 -2.31 2.72
N PHE A 21 -5.12 -2.83 2.04
CA PHE A 21 -3.80 -3.04 2.64
C PHE A 21 -2.72 -2.25 1.93
N CYS A 22 -1.65 -1.95 2.65
CA CYS A 22 -0.50 -1.25 2.08
C CYS A 22 0.71 -2.16 2.25
N LEU A 23 1.15 -2.74 1.11
CA LEU A 23 2.28 -3.68 1.10
C LEU A 23 3.63 -2.98 1.21
N ARG A 24 3.73 -2.12 2.22
CA ARG A 24 4.95 -1.37 2.52
C ARG A 24 5.92 -2.28 3.30
N TYR A 25 6.43 -3.29 2.58
CA TYR A 25 7.36 -4.27 3.14
C TYR A 25 8.80 -3.73 3.17
N ALA A 26 9.62 -4.32 4.04
CA ALA A 26 11.03 -3.94 4.18
C ALA A 26 11.93 -4.63 3.16
N GLY A 27 11.45 -5.75 2.62
CA GLY A 27 12.20 -6.50 1.63
C GLY A 27 11.68 -6.31 0.22
N GLN A 28 10.52 -5.65 0.08
CA GLN A 28 9.91 -5.40 -1.22
C GLN A 28 10.23 -4.00 -1.72
N LYS A 29 10.05 -3.00 -0.83
CA LYS A 29 10.28 -1.57 -1.13
C LYS A 29 9.32 -1.05 -2.22
N SER A 30 8.28 -1.85 -2.53
CA SER A 30 7.27 -1.51 -3.54
C SER A 30 6.04 -2.41 -3.36
N GLY A 31 5.07 -1.91 -2.58
CA GLY A 31 3.85 -2.64 -2.32
C GLY A 31 2.68 -2.13 -3.12
N THR A 32 1.45 -2.50 -2.71
CA THR A 32 0.24 -2.08 -3.42
C THR A 32 -0.99 -2.09 -2.51
N CYS A 33 -1.63 -0.92 -2.35
CA CYS A 33 -2.87 -0.82 -1.58
C CYS A 33 -4.00 -1.42 -2.40
N ALA A 34 -4.47 -2.57 -1.90
CA ALA A 34 -5.52 -3.35 -2.54
C ALA A 34 -6.46 -3.95 -1.49
N ASN A 35 -7.64 -4.40 -1.93
CA ASN A 35 -8.63 -4.98 -1.02
C ASN A 35 -8.54 -6.49 -0.98
N ARG A 36 -8.59 -7.04 0.23
CA ARG A 36 -8.52 -8.49 0.45
C ARG A 36 -9.91 -9.07 0.69
N CYS A 2 -11.25 5.24 1.83
CA CYS A 2 -10.08 6.09 1.60
C CYS A 2 -8.99 5.34 0.82
N LYS A 3 -9.23 4.05 0.48
CA LYS A 3 -8.27 3.25 -0.27
C LYS A 3 -8.28 3.65 -1.77
N PRO A 4 -7.11 3.74 -2.46
CA PRO A 4 -7.06 4.11 -3.88
C PRO A 4 -7.14 2.91 -4.83
N ASN A 5 -6.78 1.73 -4.30
CA ASN A 5 -6.76 0.43 -5.04
C ASN A 5 -5.92 0.54 -6.32
N GLY A 6 -4.75 -0.11 -6.29
CA GLY A 6 -3.83 -0.08 -7.42
C GLY A 6 -2.76 0.97 -7.24
N ALA A 7 -2.52 1.39 -5.98
CA ALA A 7 -1.51 2.40 -5.66
C ALA A 7 -0.21 1.75 -5.20
N LYS A 8 0.88 2.53 -5.17
CA LYS A 8 2.19 2.04 -4.76
C LYS A 8 2.42 2.21 -3.26
N CYS A 9 3.05 1.20 -2.66
CA CYS A 9 3.37 1.19 -1.23
C CYS A 9 4.87 0.98 -1.04
N THR A 10 5.62 2.09 -1.05
CA THR A 10 7.08 2.04 -0.88
C THR A 10 7.49 2.35 0.56
N GLU A 11 8.76 2.01 0.88
CA GLU A 11 9.35 2.19 2.23
C GLU A 11 9.15 3.61 2.82
N ILE A 12 8.94 4.58 1.96
CA ILE A 12 8.75 5.97 2.38
C ILE A 12 7.37 6.51 1.95
N SER A 13 6.62 5.75 1.13
CA SER A 13 5.30 6.20 0.68
C SER A 13 4.23 5.14 0.87
N ILE A 14 3.08 5.59 1.41
CA ILE A 14 1.94 4.70 1.67
C ILE A 14 0.60 5.48 1.57
N PRO A 15 -0.45 4.88 0.94
CA PRO A 15 -1.78 5.52 0.82
C PRO A 15 -2.56 5.46 2.16
N PRO A 16 -3.86 5.90 2.25
CA PRO A 16 -4.63 5.86 3.50
C PRO A 16 -5.17 4.47 3.83
N CYS A 17 -5.87 3.84 2.85
CA CYS A 17 -6.47 2.51 2.97
C CYS A 17 -7.27 2.33 4.28
N CYS A 18 -8.59 2.43 4.17
CA CYS A 18 -9.49 2.28 5.32
C CYS A 18 -10.01 0.86 5.45
N SER A 19 -10.05 0.14 4.32
CA SER A 19 -10.51 -1.24 4.28
C SER A 19 -9.55 -2.13 3.50
N ASN A 20 -8.57 -1.51 2.85
CA ASN A 20 -7.58 -2.23 2.06
C ASN A 20 -6.27 -2.42 2.82
N PHE A 21 -5.23 -2.85 2.11
CA PHE A 21 -3.93 -3.10 2.69
C PHE A 21 -2.83 -2.23 2.06
N CYS A 22 -1.60 -2.42 2.53
CA CYS A 22 -0.43 -1.73 2.01
C CYS A 22 0.71 -2.73 1.94
N LEU A 23 1.13 -3.05 0.71
CA LEU A 23 2.21 -4.02 0.50
C LEU A 23 3.61 -3.43 0.72
N ARG A 24 3.67 -2.54 1.72
CA ARG A 24 4.91 -1.87 2.14
C ARG A 24 5.72 -2.81 3.04
N TYR A 25 6.09 -3.96 2.46
CA TYR A 25 6.84 -5.01 3.16
C TYR A 25 8.24 -4.54 3.59
N ALA A 26 8.79 -5.20 4.62
CA ALA A 26 10.13 -4.87 5.14
C ALA A 26 11.22 -5.44 4.21
N GLY A 27 11.72 -4.57 3.33
CA GLY A 27 12.75 -4.96 2.39
C GLY A 27 12.36 -4.66 0.95
N GLN A 28 11.04 -4.58 0.71
CA GLN A 28 10.51 -4.30 -0.64
C GLN A 28 10.19 -2.81 -0.79
N LYS A 29 10.27 -2.34 -2.04
CA LYS A 29 9.99 -0.94 -2.36
C LYS A 29 9.03 -0.84 -3.56
N SER A 30 8.03 -1.74 -3.58
CA SER A 30 7.04 -1.78 -4.66
C SER A 30 5.74 -2.42 -4.17
N GLY A 31 5.21 -1.90 -3.04
CA GLY A 31 3.98 -2.41 -2.48
C GLY A 31 2.74 -1.89 -3.20
N THR A 32 1.55 -2.13 -2.61
CA THR A 32 0.30 -1.70 -3.22
C THR A 32 -0.90 -1.85 -2.30
N CYS A 33 -1.84 -0.92 -2.48
CA CYS A 33 -3.12 -0.92 -1.77
C CYS A 33 -4.17 -1.38 -2.75
N ALA A 34 -4.85 -2.49 -2.43
CA ALA A 34 -5.85 -3.10 -3.30
C ALA A 34 -7.03 -3.68 -2.51
N ASN A 35 -6.73 -4.61 -1.60
CA ASN A 35 -7.72 -5.26 -0.74
C ASN A 35 -7.08 -5.90 0.49
N ARG A 36 -7.82 -5.94 1.59
CA ARG A 36 -7.33 -6.52 2.84
C ARG A 36 -7.89 -7.94 3.02
N CYS A 2 -10.81 5.27 2.47
CA CYS A 2 -9.66 6.13 2.19
C CYS A 2 -8.60 5.42 1.30
N LYS A 3 -8.84 4.12 1.02
CA LYS A 3 -7.91 3.33 0.17
C LYS A 3 -8.10 3.69 -1.31
N PRO A 4 -7.00 3.78 -2.11
CA PRO A 4 -7.08 4.14 -3.54
C PRO A 4 -7.26 2.92 -4.46
N ASN A 5 -6.93 1.72 -3.93
CA ASN A 5 -6.99 0.42 -4.65
C ASN A 5 -6.32 0.51 -6.02
N GLY A 6 -5.09 -0.02 -6.08
CA GLY A 6 -4.31 0.00 -7.31
C GLY A 6 -3.18 1.01 -7.25
N ALA A 7 -2.83 1.44 -6.03
CA ALA A 7 -1.76 2.41 -5.81
C ALA A 7 -0.45 1.73 -5.41
N LYS A 8 0.64 2.50 -5.34
CA LYS A 8 1.95 1.97 -4.97
C LYS A 8 2.25 2.17 -3.48
N CYS A 9 2.99 1.20 -2.93
CA CYS A 9 3.40 1.21 -1.52
C CYS A 9 4.91 0.98 -1.45
N THR A 10 5.66 2.07 -1.59
CA THR A 10 7.13 2.02 -1.55
C THR A 10 7.66 2.07 -0.12
N GLU A 11 8.95 1.71 0.04
CA GLU A 11 9.63 1.69 1.35
C GLU A 11 9.61 3.05 2.08
N ILE A 12 9.37 4.12 1.32
CA ILE A 12 9.32 5.47 1.88
C ILE A 12 7.95 6.13 1.67
N SER A 13 7.08 5.53 0.84
CA SER A 13 5.76 6.12 0.59
C SER A 13 4.64 5.08 0.66
N ILE A 14 3.52 5.51 1.23
CA ILE A 14 2.34 4.65 1.42
C ILE A 14 1.03 5.46 1.40
N PRO A 15 -0.04 4.95 0.72
CA PRO A 15 -1.36 5.63 0.67
C PRO A 15 -2.10 5.54 2.04
N PRO A 16 -3.40 5.97 2.17
CA PRO A 16 -4.11 5.91 3.47
C PRO A 16 -4.59 4.49 3.82
N CYS A 17 -5.40 3.89 2.92
CA CYS A 17 -5.97 2.53 3.08
C CYS A 17 -6.63 2.32 4.46
N CYS A 18 -7.96 2.35 4.46
CA CYS A 18 -8.75 2.18 5.68
C CYS A 18 -9.22 0.74 5.85
N SER A 19 -9.30 0.01 4.71
CA SER A 19 -9.75 -1.39 4.73
C SER A 19 -8.90 -2.27 3.82
N ASN A 20 -8.21 -1.65 2.87
CA ASN A 20 -7.35 -2.37 1.92
C ASN A 20 -5.99 -2.70 2.56
N PHE A 21 -5.04 -3.18 1.74
CA PHE A 21 -3.72 -3.56 2.24
C PHE A 21 -2.60 -2.76 1.57
N CYS A 22 -1.48 -2.67 2.28
CA CYS A 22 -0.30 -1.99 1.77
C CYS A 22 0.84 -2.99 1.70
N LEU A 23 1.32 -3.26 0.49
CA LEU A 23 2.38 -4.24 0.27
C LEU A 23 3.78 -3.64 0.46
N ARG A 24 3.87 -2.77 1.47
CA ARG A 24 5.12 -2.11 1.85
C ARG A 24 5.95 -3.03 2.76
N TYR A 25 5.25 -4.00 3.40
CA TYR A 25 5.84 -5.00 4.32
C TYR A 25 6.66 -4.34 5.45
N ALA A 26 7.99 -4.29 5.27
CA ALA A 26 8.91 -3.71 6.25
C ALA A 26 10.05 -2.96 5.56
N GLY A 27 10.49 -3.52 4.43
CA GLY A 27 11.57 -2.93 3.66
C GLY A 27 11.43 -3.15 2.17
N GLN A 28 10.19 -3.11 1.67
CA GLN A 28 9.90 -3.31 0.25
C GLN A 28 9.63 -1.97 -0.43
N LYS A 29 10.06 -1.86 -1.69
CA LYS A 29 9.88 -0.64 -2.47
C LYS A 29 8.91 -0.86 -3.66
N SER A 30 8.07 -1.91 -3.57
CA SER A 30 7.12 -2.22 -4.65
C SER A 30 5.83 -2.83 -4.09
N GLY A 31 5.13 -2.04 -3.27
CA GLY A 31 3.87 -2.49 -2.70
C GLY A 31 2.66 -1.96 -3.46
N THR A 32 1.45 -2.40 -3.08
CA THR A 32 0.23 -1.95 -3.77
C THR A 32 -1.01 -2.03 -2.87
N CYS A 33 -1.62 -0.87 -2.62
CA CYS A 33 -2.85 -0.80 -1.83
C CYS A 33 -4.03 -1.30 -2.64
N ALA A 34 -4.58 -2.44 -2.19
CA ALA A 34 -5.69 -3.12 -2.85
C ALA A 34 -6.55 -3.85 -1.81
N ASN A 35 -7.72 -4.33 -2.22
CA ASN A 35 -8.64 -5.03 -1.32
C ASN A 35 -8.20 -6.48 -1.05
N ARG A 36 -8.54 -6.96 0.15
CA ARG A 36 -8.19 -8.31 0.59
C ARG A 36 -9.30 -9.32 0.22
N CYS A 2 -11.20 5.12 2.00
CA CYS A 2 -9.99 5.93 1.90
C CYS A 2 -8.92 5.27 1.02
N LYS A 3 -9.11 3.97 0.74
CA LYS A 3 -8.17 3.19 -0.10
C LYS A 3 -8.28 3.56 -1.59
N PRO A 4 -7.15 3.59 -2.35
CA PRO A 4 -7.17 3.90 -3.78
C PRO A 4 -7.24 2.64 -4.67
N ASN A 5 -6.87 1.49 -4.07
CA ASN A 5 -6.82 0.16 -4.74
C ASN A 5 -6.06 0.21 -6.07
N GLY A 6 -4.86 -0.40 -6.07
CA GLY A 6 -4.01 -0.40 -7.24
C GLY A 6 -2.90 0.63 -7.15
N ALA A 7 -2.70 1.18 -5.94
CA ALA A 7 -1.67 2.19 -5.70
C ALA A 7 -0.40 1.55 -5.17
N LYS A 8 0.76 2.14 -5.51
CA LYS A 8 2.05 1.61 -5.08
C LYS A 8 2.50 2.18 -3.74
N CYS A 9 3.13 1.31 -2.94
CA CYS A 9 3.65 1.67 -1.62
C CYS A 9 5.18 1.62 -1.65
N THR A 10 5.80 2.49 -0.86
CA THR A 10 7.26 2.56 -0.79
C THR A 10 7.71 2.86 0.64
N GLU A 11 9.02 2.64 0.91
CA GLU A 11 9.64 2.84 2.24
C GLU A 11 9.28 4.21 2.85
N ILE A 12 9.09 5.19 1.98
CA ILE A 12 8.76 6.54 2.40
C ILE A 12 7.40 7.01 1.85
N SER A 13 6.66 6.11 1.16
CA SER A 13 5.36 6.47 0.59
C SER A 13 4.30 5.41 0.85
N ILE A 14 3.12 5.87 1.31
CA ILE A 14 1.98 4.99 1.59
C ILE A 14 0.65 5.74 1.41
N PRO A 15 -0.39 5.11 0.77
CA PRO A 15 -1.71 5.75 0.61
C PRO A 15 -2.52 5.73 1.94
N PRO A 16 -3.83 6.13 1.98
CA PRO A 16 -4.61 6.13 3.24
C PRO A 16 -5.04 4.73 3.67
N CYS A 17 -5.72 4.00 2.75
CA CYS A 17 -6.24 2.62 2.98
C CYS A 17 -6.92 2.46 4.35
N CYS A 18 -8.26 2.59 4.35
CA CYS A 18 -9.05 2.46 5.58
C CYS A 18 -9.51 1.02 5.82
N SER A 19 -9.51 0.22 4.75
CA SER A 19 -9.91 -1.20 4.83
C SER A 19 -8.99 -2.10 4.02
N ASN A 20 -8.25 -1.49 3.10
CA ASN A 20 -7.32 -2.21 2.23
C ASN A 20 -5.94 -2.38 2.87
N PHE A 21 -4.99 -2.91 2.11
CA PHE A 21 -3.64 -3.15 2.59
C PHE A 21 -2.60 -2.39 1.79
N CYS A 22 -1.47 -2.08 2.45
CA CYS A 22 -0.36 -1.40 1.80
C CYS A 22 0.85 -2.32 1.91
N LEU A 23 1.31 -2.83 0.76
CA LEU A 23 2.44 -3.75 0.71
C LEU A 23 3.79 -3.05 0.89
N ARG A 24 3.86 -2.25 1.96
CA ARG A 24 5.07 -1.53 2.33
C ARG A 24 5.90 -2.40 3.29
N TYR A 25 6.21 -3.62 2.81
CA TYR A 25 6.96 -4.61 3.58
C TYR A 25 8.41 -4.19 3.80
N ALA A 26 9.05 -4.77 4.83
CA ALA A 26 10.45 -4.45 5.17
C ALA A 26 11.45 -4.99 4.14
N GLY A 27 11.00 -5.95 3.33
CA GLY A 27 11.85 -6.54 2.30
C GLY A 27 11.38 -6.18 0.89
N GLN A 28 10.52 -5.15 0.80
CA GLN A 28 10.00 -4.68 -0.48
C GLN A 28 10.13 -3.16 -0.61
N LYS A 29 10.23 -2.70 -1.86
CA LYS A 29 10.36 -1.27 -2.15
C LYS A 29 9.24 -0.78 -3.08
N SER A 30 8.23 -1.64 -3.30
CA SER A 30 7.09 -1.32 -4.19
C SER A 30 5.89 -2.21 -3.84
N GLY A 31 5.03 -1.70 -2.97
CA GLY A 31 3.84 -2.44 -2.56
C GLY A 31 2.62 -2.03 -3.34
N THR A 32 1.42 -2.42 -2.88
CA THR A 32 0.19 -2.09 -3.58
C THR A 32 -1.04 -2.11 -2.68
N CYS A 33 -1.65 -0.93 -2.47
CA CYS A 33 -2.88 -0.84 -1.68
C CYS A 33 -4.03 -1.43 -2.48
N ALA A 34 -4.53 -2.56 -1.96
CA ALA A 34 -5.60 -3.33 -2.57
C ALA A 34 -6.50 -3.92 -1.48
N ASN A 35 -7.68 -4.39 -1.87
CA ASN A 35 -8.65 -4.93 -0.91
C ASN A 35 -8.61 -6.46 -0.86
N ARG A 36 -8.68 -6.99 0.37
CA ARG A 36 -8.66 -8.44 0.60
C ARG A 36 -10.08 -9.02 0.60
N CYS A 2 -11.09 5.18 1.98
CA CYS A 2 -9.87 6.01 1.91
C CYS A 2 -8.80 5.36 1.04
N LYS A 3 -8.97 4.06 0.74
CA LYS A 3 -8.02 3.29 -0.08
C LYS A 3 -8.25 3.54 -1.58
N PRO A 4 -7.17 3.55 -2.41
CA PRO A 4 -7.28 3.78 -3.86
C PRO A 4 -7.39 2.48 -4.68
N ASN A 5 -7.07 1.34 -4.02
CA ASN A 5 -7.08 -0.02 -4.63
C ASN A 5 -6.43 -0.02 -6.01
N GLY A 6 -5.13 -0.32 -6.02
CA GLY A 6 -4.34 -0.35 -7.25
C GLY A 6 -3.20 0.66 -7.21
N ALA A 7 -2.90 1.17 -6.01
CA ALA A 7 -1.82 2.16 -5.83
C ALA A 7 -0.52 1.48 -5.39
N LYS A 8 0.56 2.26 -5.27
CA LYS A 8 1.86 1.72 -4.87
C LYS A 8 2.32 2.25 -3.50
N CYS A 9 3.05 1.38 -2.79
CA CYS A 9 3.60 1.68 -1.47
C CYS A 9 5.13 1.62 -1.54
N THR A 10 5.79 2.40 -0.68
CA THR A 10 7.25 2.45 -0.63
C THR A 10 7.73 2.75 0.79
N GLU A 11 9.03 2.50 1.03
CA GLU A 11 9.67 2.72 2.35
C GLU A 11 9.51 4.15 2.86
N ILE A 12 9.20 5.06 1.94
CA ILE A 12 9.02 6.47 2.26
C ILE A 12 7.61 6.98 1.93
N SER A 13 6.81 6.19 1.20
CA SER A 13 5.45 6.62 0.83
C SER A 13 4.42 5.53 1.03
N ILE A 14 3.22 5.96 1.44
CA ILE A 14 2.09 5.05 1.68
C ILE A 14 0.74 5.78 1.48
N PRO A 15 -0.26 5.11 0.84
CA PRO A 15 -1.60 5.71 0.63
C PRO A 15 -2.42 5.72 1.95
N PRO A 16 -3.72 6.17 1.97
CA PRO A 16 -4.52 6.19 3.21
C PRO A 16 -5.02 4.80 3.62
N CYS A 17 -5.77 4.15 2.70
CA CYS A 17 -6.34 2.79 2.89
C CYS A 17 -7.02 2.61 4.26
N CYS A 18 -8.36 2.64 4.24
CA CYS A 18 -9.16 2.46 5.44
C CYS A 18 -9.68 1.02 5.57
N SER A 19 -9.61 0.26 4.46
CA SER A 19 -10.06 -1.14 4.45
C SER A 19 -9.12 -2.06 3.67
N ASN A 20 -8.34 -1.47 2.76
CA ASN A 20 -7.39 -2.22 1.93
C ASN A 20 -6.03 -2.39 2.65
N PHE A 21 -5.03 -2.91 1.92
CA PHE A 21 -3.71 -3.12 2.49
C PHE A 21 -2.63 -2.33 1.76
N CYS A 22 -1.55 -2.02 2.46
CA CYS A 22 -0.41 -1.32 1.88
C CYS A 22 0.80 -2.22 2.00
N LEU A 23 1.27 -2.72 0.86
CA LEU A 23 2.41 -3.64 0.81
C LEU A 23 3.76 -2.93 1.01
N ARG A 24 3.85 -2.23 2.12
CA ARG A 24 5.05 -1.50 2.52
C ARG A 24 5.88 -2.40 3.46
N TYR A 25 6.19 -3.61 2.96
CA TYR A 25 6.95 -4.62 3.71
C TYR A 25 8.43 -4.22 3.84
N ALA A 26 9.12 -4.85 4.80
CA ALA A 26 10.55 -4.59 5.06
C ALA A 26 11.44 -5.07 3.91
N GLY A 27 10.91 -5.98 3.09
CA GLY A 27 11.64 -6.51 1.95
C GLY A 27 11.12 -5.99 0.62
N GLN A 28 9.97 -5.31 0.67
CA GLN A 28 9.33 -4.75 -0.53
C GLN A 28 9.67 -3.27 -0.68
N LYS A 29 10.09 -2.90 -1.89
CA LYS A 29 10.45 -1.51 -2.20
C LYS A 29 9.35 -0.84 -3.04
N SER A 30 8.25 -1.57 -3.28
CA SER A 30 7.12 -1.08 -4.08
C SER A 30 5.91 -2.00 -3.89
N GLY A 31 5.09 -1.65 -2.89
CA GLY A 31 3.90 -2.42 -2.59
C GLY A 31 2.68 -1.92 -3.32
N THR A 32 1.48 -2.35 -2.90
CA THR A 32 0.24 -1.93 -3.55
C THR A 32 -0.97 -1.99 -2.62
N CYS A 33 -1.67 -0.85 -2.50
CA CYS A 33 -2.89 -0.78 -1.70
C CYS A 33 -4.02 -1.43 -2.49
N ALA A 34 -4.45 -2.58 -1.96
CA ALA A 34 -5.48 -3.42 -2.57
C ALA A 34 -6.35 -4.07 -1.50
N ASN A 35 -7.51 -4.62 -1.91
CA ASN A 35 -8.44 -5.26 -0.97
C ASN A 35 -7.99 -6.67 -0.59
N ARG A 36 -8.32 -7.07 0.65
CA ARG A 36 -7.97 -8.40 1.16
C ARG A 36 -8.99 -9.45 0.72
N CYS A 2 -11.04 5.28 2.07
CA CYS A 2 -9.92 6.17 1.76
C CYS A 2 -8.83 5.46 0.93
N LYS A 3 -9.01 4.15 0.69
CA LYS A 3 -8.06 3.34 -0.08
C LYS A 3 -8.24 3.59 -1.59
N PRO A 4 -7.13 3.61 -2.40
CA PRO A 4 -7.21 3.85 -3.85
C PRO A 4 -7.36 2.56 -4.67
N ASN A 5 -7.06 1.41 -4.02
CA ASN A 5 -7.11 0.06 -4.65
C ASN A 5 -6.45 0.05 -6.03
N GLY A 6 -5.16 -0.32 -6.03
CA GLY A 6 -4.38 -0.36 -7.25
C GLY A 6 -3.23 0.64 -7.23
N ALA A 7 -2.92 1.16 -6.03
CA ALA A 7 -1.83 2.13 -5.86
C ALA A 7 -0.54 1.44 -5.43
N LYS A 8 0.55 2.21 -5.30
CA LYS A 8 1.84 1.66 -4.90
C LYS A 8 2.33 2.21 -3.56
N CYS A 9 3.01 1.34 -2.81
CA CYS A 9 3.59 1.68 -1.52
C CYS A 9 5.11 1.60 -1.60
N THR A 10 5.80 2.35 -0.74
CA THR A 10 7.26 2.37 -0.71
C THR A 10 7.76 2.63 0.71
N GLU A 11 9.04 2.33 0.95
CA GLU A 11 9.67 2.54 2.28
C GLU A 11 9.71 4.03 2.68
N ILE A 12 9.19 4.89 1.79
CA ILE A 12 9.16 6.32 2.01
C ILE A 12 7.73 6.88 1.92
N SER A 13 6.87 6.21 1.14
CA SER A 13 5.49 6.67 0.96
C SER A 13 4.48 5.54 1.06
N ILE A 14 3.25 5.93 1.46
CA ILE A 14 2.13 4.99 1.63
C ILE A 14 0.78 5.73 1.46
N PRO A 15 -0.23 5.08 0.79
CA PRO A 15 -1.57 5.67 0.61
C PRO A 15 -2.38 5.67 1.94
N PRO A 16 -3.68 6.12 1.98
CA PRO A 16 -4.46 6.12 3.23
C PRO A 16 -4.96 4.73 3.62
N CYS A 17 -5.69 4.07 2.70
CA CYS A 17 -6.26 2.71 2.90
C CYS A 17 -6.95 2.54 4.26
N CYS A 18 -8.28 2.60 4.23
CA CYS A 18 -9.10 2.46 5.44
C CYS A 18 -9.59 1.03 5.61
N SER A 19 -9.60 0.26 4.51
CA SER A 19 -10.05 -1.14 4.55
C SER A 19 -9.14 -2.06 3.72
N ASN A 20 -8.37 -1.46 2.81
CA ASN A 20 -7.45 -2.22 1.95
C ASN A 20 -6.09 -2.42 2.65
N PHE A 21 -5.10 -2.94 1.90
CA PHE A 21 -3.77 -3.18 2.44
C PHE A 21 -2.70 -2.41 1.69
N CYS A 22 -1.60 -2.12 2.38
CA CYS A 22 -0.46 -1.43 1.79
C CYS A 22 0.75 -2.36 1.89
N LEU A 23 1.23 -2.81 0.73
CA LEU A 23 2.36 -3.75 0.66
C LEU A 23 3.71 -3.06 0.90
N ARG A 24 3.78 -2.34 2.01
CA ARG A 24 4.99 -1.64 2.44
C ARG A 24 5.74 -2.55 3.44
N TYR A 25 6.03 -3.78 2.96
CA TYR A 25 6.70 -4.81 3.77
C TYR A 25 8.16 -4.44 4.05
N ALA A 26 8.74 -5.10 5.07
CA ALA A 26 10.13 -4.88 5.46
C ALA A 26 11.07 -5.67 4.54
N GLY A 27 11.37 -5.07 3.39
CA GLY A 27 12.22 -5.68 2.38
C GLY A 27 11.79 -5.32 0.97
N GLN A 28 10.54 -4.85 0.85
CA GLN A 28 9.96 -4.45 -0.43
C GLN A 28 10.15 -2.95 -0.66
N LYS A 29 10.18 -2.56 -1.93
CA LYS A 29 10.35 -1.16 -2.33
C LYS A 29 9.23 -0.70 -3.26
N SER A 30 8.17 -1.53 -3.41
CA SER A 30 7.03 -1.20 -4.27
C SER A 30 5.84 -2.11 -3.95
N GLY A 31 5.01 -1.65 -3.00
CA GLY A 31 3.83 -2.40 -2.62
C GLY A 31 2.59 -1.94 -3.38
N THR A 32 1.40 -2.40 -2.95
CA THR A 32 0.16 -2.02 -3.63
C THR A 32 -1.05 -2.06 -2.71
N CYS A 33 -1.71 -0.90 -2.56
CA CYS A 33 -2.93 -0.81 -1.76
C CYS A 33 -4.09 -1.43 -2.53
N ALA A 34 -4.55 -2.56 -2.02
CA ALA A 34 -5.62 -3.36 -2.63
C ALA A 34 -6.48 -4.00 -1.54
N ASN A 35 -7.65 -4.54 -1.93
CA ASN A 35 -8.57 -5.18 -0.98
C ASN A 35 -8.13 -6.60 -0.64
N ARG A 36 -8.45 -7.02 0.60
CA ARG A 36 -8.11 -8.36 1.10
C ARG A 36 -9.12 -9.40 0.63
N CYS A 2 -11.16 5.52 1.28
CA CYS A 2 -9.97 6.26 0.86
C CYS A 2 -9.04 5.39 0.01
N LYS A 3 -9.14 4.06 0.19
CA LYS A 3 -8.33 3.07 -0.55
C LYS A 3 -8.74 3.03 -2.04
N PRO A 4 -7.76 3.12 -3.00
CA PRO A 4 -8.06 3.07 -4.44
C PRO A 4 -7.92 1.67 -5.07
N ASN A 5 -7.33 0.74 -4.30
CA ASN A 5 -7.06 -0.66 -4.73
C ASN A 5 -6.06 -0.69 -5.90
N GLY A 6 -5.09 0.21 -5.84
CA GLY A 6 -4.05 0.29 -6.86
C GLY A 6 -3.03 1.36 -6.56
N ALA A 7 -2.71 1.54 -5.27
CA ALA A 7 -1.72 2.55 -4.85
C ALA A 7 -0.41 1.89 -4.40
N LYS A 8 0.70 2.35 -4.98
CA LYS A 8 2.03 1.81 -4.68
C LYS A 8 2.61 2.36 -3.39
N CYS A 9 3.10 1.45 -2.54
CA CYS A 9 3.74 1.78 -1.27
C CYS A 9 5.25 1.76 -1.42
N THR A 10 5.94 2.52 -0.56
CA THR A 10 7.40 2.59 -0.57
C THR A 10 7.95 2.83 0.83
N GLU A 11 9.27 2.62 1.00
CA GLU A 11 9.96 2.78 2.29
C GLU A 11 9.69 4.12 2.98
N ILE A 12 9.36 5.14 2.17
CA ILE A 12 9.08 6.48 2.68
C ILE A 12 7.65 6.96 2.37
N SER A 13 6.89 6.22 1.53
CA SER A 13 5.54 6.63 1.19
C SER A 13 4.52 5.52 1.34
N ILE A 14 3.30 5.92 1.75
CA ILE A 14 2.18 4.99 1.97
C ILE A 14 0.83 5.68 1.72
N PRO A 15 -0.14 4.99 1.04
CA PRO A 15 -1.48 5.56 0.80
C PRO A 15 -2.35 5.57 2.08
N PRO A 16 -3.65 6.04 2.05
CA PRO A 16 -4.49 6.05 3.26
C PRO A 16 -5.01 4.65 3.62
N CYS A 17 -5.61 3.96 2.62
CA CYS A 17 -6.16 2.60 2.78
C CYS A 17 -7.01 2.45 4.05
N CYS A 18 -8.30 2.75 3.91
CA CYS A 18 -9.26 2.70 5.03
C CYS A 18 -9.70 1.26 5.34
N SER A 19 -9.64 0.39 4.32
CA SER A 19 -10.05 -1.02 4.49
C SER A 19 -9.10 -1.96 3.74
N ASN A 20 -8.21 -1.38 2.93
CA ASN A 20 -7.26 -2.16 2.13
C ASN A 20 -5.93 -2.35 2.87
N PHE A 21 -4.93 -2.82 2.13
CA PHE A 21 -3.59 -3.06 2.68
C PHE A 21 -2.54 -2.24 1.93
N CYS A 22 -1.42 -2.00 2.60
CA CYS A 22 -0.30 -1.29 2.02
C CYS A 22 0.90 -2.23 2.05
N LEU A 23 1.32 -2.67 0.86
CA LEU A 23 2.42 -3.61 0.72
C LEU A 23 3.79 -2.94 0.91
N ARG A 24 3.91 -2.24 2.03
CA ARG A 24 5.14 -1.55 2.42
C ARG A 24 5.95 -2.49 3.32
N TYR A 25 6.22 -3.70 2.79
CA TYR A 25 6.95 -4.74 3.50
C TYR A 25 8.45 -4.43 3.59
N ALA A 26 9.13 -5.09 4.54
CA ALA A 26 10.58 -4.89 4.76
C ALA A 26 11.43 -5.43 3.61
N GLY A 27 10.82 -6.29 2.78
CA GLY A 27 11.52 -6.87 1.65
C GLY A 27 10.98 -6.39 0.31
N GLN A 28 10.26 -5.26 0.34
CA GLN A 28 9.67 -4.67 -0.86
C GLN A 28 10.01 -3.18 -0.97
N LYS A 29 10.07 -2.69 -2.20
CA LYS A 29 10.36 -1.29 -2.48
C LYS A 29 9.22 -0.64 -3.25
N SER A 30 8.13 -1.40 -3.46
CA SER A 30 6.94 -0.92 -4.19
C SER A 30 5.75 -1.83 -3.90
N GLY A 31 4.92 -1.40 -2.94
CA GLY A 31 3.74 -2.18 -2.57
C GLY A 31 2.51 -1.80 -3.36
N THR A 32 1.33 -2.21 -2.89
CA THR A 32 0.08 -1.89 -3.59
C THR A 32 -1.14 -1.99 -2.67
N CYS A 33 -1.87 -0.88 -2.57
CA CYS A 33 -3.11 -0.83 -1.79
C CYS A 33 -4.17 -1.60 -2.57
N ALA A 34 -4.83 -2.53 -1.86
CA ALA A 34 -5.83 -3.44 -2.41
C ALA A 34 -6.58 -4.13 -1.26
N ASN A 35 -7.75 -4.72 -1.55
CA ASN A 35 -8.55 -5.39 -0.52
C ASN A 35 -8.02 -6.79 -0.20
N ARG A 36 -8.18 -7.18 1.07
CA ARG A 36 -7.73 -8.48 1.56
C ARG A 36 -8.89 -9.47 1.60
N CYS A 2 -9.93 6.73 2.13
CA CYS A 2 -10.17 5.34 1.70
C CYS A 2 -9.19 4.83 0.62
N LYS A 3 -9.13 3.49 0.51
CA LYS A 3 -8.28 2.77 -0.44
C LYS A 3 -8.74 2.90 -1.90
N PRO A 4 -7.81 2.93 -2.89
CA PRO A 4 -8.14 2.98 -4.31
C PRO A 4 -8.05 1.61 -4.99
N ASN A 5 -7.64 0.60 -4.18
CA ASN A 5 -7.43 -0.81 -4.61
C ASN A 5 -6.49 -0.90 -5.84
N GLY A 6 -5.51 0.00 -5.87
CA GLY A 6 -4.54 0.04 -6.95
C GLY A 6 -3.46 1.08 -6.76
N ALA A 7 -3.12 1.37 -5.49
CA ALA A 7 -2.07 2.36 -5.17
C ALA A 7 -0.72 1.68 -4.91
N LYS A 8 0.35 2.48 -4.82
CA LYS A 8 1.68 1.96 -4.57
C LYS A 8 2.23 2.40 -3.22
N CYS A 9 2.94 1.48 -2.56
CA CYS A 9 3.56 1.73 -1.26
C CYS A 9 5.08 1.75 -1.39
N THR A 10 5.74 2.53 -0.54
CA THR A 10 7.20 2.63 -0.52
C THR A 10 7.72 2.88 0.88
N GLU A 11 9.04 2.71 1.07
CA GLU A 11 9.72 2.88 2.38
C GLU A 11 9.48 4.27 2.98
N ILE A 12 9.11 5.22 2.13
CA ILE A 12 8.86 6.60 2.57
C ILE A 12 7.42 7.06 2.28
N SER A 13 6.63 6.29 1.52
CA SER A 13 5.26 6.68 1.20
C SER A 13 4.28 5.53 1.36
N ILE A 14 3.05 5.88 1.77
CA ILE A 14 1.97 4.91 1.97
C ILE A 14 0.59 5.55 1.73
N PRO A 15 -0.35 4.83 1.07
CA PRO A 15 -1.72 5.33 0.81
C PRO A 15 -2.59 5.32 2.10
N PRO A 16 -3.89 5.78 2.07
CA PRO A 16 -4.74 5.78 3.27
C PRO A 16 -5.33 4.40 3.55
N CYS A 17 -5.97 3.80 2.51
CA CYS A 17 -6.60 2.47 2.57
C CYS A 17 -7.57 2.33 3.76
N CYS A 18 -8.87 2.43 3.44
CA CYS A 18 -9.95 2.30 4.42
C CYS A 18 -10.13 0.86 4.90
N SER A 19 -9.88 -0.10 4.00
CA SER A 19 -10.03 -1.53 4.32
C SER A 19 -8.99 -2.41 3.63
N ASN A 20 -8.34 -1.87 2.59
CA ASN A 20 -7.33 -2.62 1.81
C ASN A 20 -5.99 -2.71 2.57
N PHE A 21 -4.94 -3.16 1.88
CA PHE A 21 -3.62 -3.31 2.49
C PHE A 21 -2.57 -2.46 1.78
N CYS A 22 -1.49 -2.17 2.50
CA CYS A 22 -0.37 -1.41 1.95
C CYS A 22 0.86 -2.29 2.02
N LEU A 23 1.32 -2.74 0.84
CA LEU A 23 2.46 -3.64 0.74
C LEU A 23 3.80 -2.91 0.94
N ARG A 24 3.91 -2.27 2.11
CA ARG A 24 5.11 -1.54 2.51
C ARG A 24 5.96 -2.46 3.42
N TYR A 25 6.28 -3.65 2.88
CA TYR A 25 7.06 -4.67 3.59
C TYR A 25 8.54 -4.27 3.72
N ALA A 26 9.24 -4.87 4.68
CA ALA A 26 10.67 -4.60 4.93
C ALA A 26 11.57 -5.05 3.77
N GLY A 27 11.04 -5.97 2.95
CA GLY A 27 11.78 -6.48 1.81
C GLY A 27 11.29 -5.90 0.49
N GLN A 28 10.15 -5.19 0.54
CA GLN A 28 9.56 -4.59 -0.65
C GLN A 28 9.93 -3.12 -0.75
N LYS A 29 9.98 -2.62 -1.99
CA LYS A 29 10.32 -1.22 -2.27
C LYS A 29 9.20 -0.53 -3.07
N SER A 30 8.15 -1.29 -3.39
CA SER A 30 7.01 -0.79 -4.17
C SER A 30 5.81 -1.73 -3.98
N GLY A 31 5.03 -1.47 -2.93
CA GLY A 31 3.86 -2.29 -2.64
C GLY A 31 2.61 -1.78 -3.33
N THR A 32 1.44 -2.29 -2.91
CA THR A 32 0.18 -1.88 -3.53
C THR A 32 -1.02 -2.03 -2.59
N CYS A 33 -1.87 -1.00 -2.60
CA CYS A 33 -3.11 -1.01 -1.83
C CYS A 33 -4.15 -1.81 -2.61
N ALA A 34 -4.58 -2.91 -2.00
CA ALA A 34 -5.51 -3.88 -2.59
C ALA A 34 -6.30 -4.59 -1.49
N ASN A 35 -7.42 -5.23 -1.87
CA ASN A 35 -8.27 -5.94 -0.91
C ASN A 35 -7.73 -7.33 -0.59
N ARG A 36 -7.93 -7.75 0.67
CA ARG A 36 -7.47 -9.05 1.15
C ARG A 36 -8.63 -10.05 1.16
N CYS A 2 -11.30 5.09 1.61
CA CYS A 2 -10.09 5.92 1.51
C CYS A 2 -9.01 5.22 0.70
N LYS A 3 -9.20 3.92 0.43
CA LYS A 3 -8.24 3.11 -0.31
C LYS A 3 -8.28 3.40 -1.83
N PRO A 4 -7.11 3.44 -2.54
CA PRO A 4 -7.05 3.67 -3.99
C PRO A 4 -7.21 2.38 -4.80
N ASN A 5 -6.89 1.26 -4.13
CA ASN A 5 -6.96 -0.12 -4.68
C ASN A 5 -6.06 -0.29 -5.92
N GLY A 6 -5.02 0.55 -6.02
CA GLY A 6 -4.10 0.48 -7.13
C GLY A 6 -2.95 1.45 -6.99
N ALA A 7 -2.48 1.63 -5.75
CA ALA A 7 -1.37 2.55 -5.46
C ALA A 7 -0.18 1.81 -4.88
N LYS A 8 1.04 2.26 -5.24
CA LYS A 8 2.28 1.64 -4.78
C LYS A 8 2.70 2.15 -3.40
N CYS A 9 3.13 1.20 -2.56
CA CYS A 9 3.60 1.50 -1.20
C CYS A 9 5.12 1.38 -1.14
N THR A 10 5.76 2.37 -0.52
CA THR A 10 7.22 2.39 -0.40
C THR A 10 7.66 2.80 1.00
N GLU A 11 8.96 2.61 1.30
CA GLU A 11 9.56 2.94 2.60
C GLU A 11 9.26 4.36 3.09
N ILE A 12 9.01 5.27 2.15
CA ILE A 12 8.72 6.66 2.48
C ILE A 12 7.33 7.12 1.98
N SER A 13 6.59 6.23 1.28
CA SER A 13 5.26 6.60 0.78
C SER A 13 4.23 5.50 0.99
N ILE A 14 3.02 5.92 1.38
CA ILE A 14 1.89 5.01 1.63
C ILE A 14 0.54 5.72 1.38
N PRO A 15 -0.46 5.04 0.75
CA PRO A 15 -1.80 5.62 0.52
C PRO A 15 -2.63 5.64 1.83
N PRO A 16 -3.94 6.07 1.82
CA PRO A 16 -4.75 6.11 3.05
C PRO A 16 -5.26 4.72 3.49
N CYS A 17 -5.96 4.02 2.55
CA CYS A 17 -6.54 2.68 2.77
C CYS A 17 -7.19 2.53 4.15
N CYS A 18 -8.51 2.75 4.19
CA CYS A 18 -9.28 2.66 5.43
C CYS A 18 -9.80 1.24 5.70
N SER A 19 -9.70 0.35 4.69
CA SER A 19 -10.20 -1.02 4.84
C SER A 19 -9.27 -2.07 4.26
N ASN A 20 -8.59 -1.72 3.19
CA ASN A 20 -7.71 -2.65 2.50
C ASN A 20 -6.27 -2.62 3.03
N PHE A 21 -5.27 -2.99 2.20
CA PHE A 21 -3.89 -3.05 2.64
C PHE A 21 -2.96 -2.13 1.88
N CYS A 22 -1.76 -1.96 2.44
CA CYS A 22 -0.68 -1.18 1.84
C CYS A 22 0.59 -2.02 1.99
N LEU A 23 1.00 -2.64 0.88
CA LEU A 23 2.17 -3.53 0.87
C LEU A 23 3.51 -2.78 1.01
N ARG A 24 3.67 -2.14 2.17
CA ARG A 24 4.89 -1.40 2.49
C ARG A 24 5.84 -2.34 3.25
N TYR A 25 6.17 -3.46 2.60
CA TYR A 25 7.05 -4.48 3.17
C TYR A 25 8.52 -4.08 3.11
N ALA A 26 9.33 -4.71 3.96
CA ALA A 26 10.78 -4.44 4.04
C ALA A 26 11.56 -5.20 2.96
N GLY A 27 10.95 -6.27 2.44
CA GLY A 27 11.59 -7.09 1.41
C GLY A 27 10.97 -6.87 0.03
N GLN A 28 10.33 -5.71 -0.17
CA GLN A 28 9.70 -5.37 -1.44
C GLN A 28 10.09 -3.97 -1.89
N LYS A 29 9.97 -3.00 -0.96
CA LYS A 29 10.29 -1.57 -1.20
C LYS A 29 9.40 -0.94 -2.29
N SER A 30 8.32 -1.67 -2.69
CA SER A 30 7.39 -1.22 -3.72
C SER A 30 6.15 -2.13 -3.74
N GLY A 31 5.28 -1.94 -2.75
CA GLY A 31 4.06 -2.72 -2.64
C GLY A 31 2.87 -2.06 -3.29
N THR A 32 1.66 -2.37 -2.80
CA THR A 32 0.44 -1.79 -3.35
C THR A 32 -0.75 -1.89 -2.40
N CYS A 33 -1.67 -0.93 -2.55
CA CYS A 33 -2.93 -0.92 -1.82
C CYS A 33 -3.98 -1.49 -2.76
N ALA A 34 -4.61 -2.58 -2.31
CA ALA A 34 -5.58 -3.31 -3.10
C ALA A 34 -6.81 -3.70 -2.26
N ASN A 35 -6.84 -4.95 -1.76
CA ASN A 35 -7.94 -5.47 -0.93
C ASN A 35 -7.48 -6.63 -0.07
N ARG A 36 -7.69 -6.52 1.25
CA ARG A 36 -7.29 -7.55 2.21
C ARG A 36 -8.48 -8.48 2.52
N CYS A 2 -11.22 5.31 2.04
CA CYS A 2 -10.07 6.17 1.76
C CYS A 2 -8.98 5.44 0.95
N LYS A 3 -9.16 4.12 0.74
CA LYS A 3 -8.20 3.31 -0.03
C LYS A 3 -8.29 3.62 -1.54
N PRO A 4 -7.15 3.61 -2.29
CA PRO A 4 -7.15 3.88 -3.73
C PRO A 4 -7.24 2.61 -4.60
N ASN A 5 -6.95 1.45 -3.97
CA ASN A 5 -6.94 0.11 -4.63
C ASN A 5 -6.23 0.15 -5.99
N GLY A 6 -4.97 -0.27 -5.98
CA GLY A 6 -4.14 -0.28 -7.18
C GLY A 6 -3.01 0.72 -7.11
N ALA A 7 -2.74 1.24 -5.90
CA ALA A 7 -1.67 2.23 -5.69
C ALA A 7 -0.42 1.55 -5.16
N LYS A 8 0.75 2.13 -5.47
CA LYS A 8 2.04 1.59 -5.04
C LYS A 8 2.48 2.13 -3.69
N CYS A 9 3.13 1.26 -2.91
CA CYS A 9 3.65 1.60 -1.58
C CYS A 9 5.18 1.52 -1.59
N THR A 10 5.81 2.46 -0.89
CA THR A 10 7.28 2.50 -0.82
C THR A 10 7.74 2.87 0.59
N GLU A 11 9.04 2.66 0.85
CA GLU A 11 9.68 2.94 2.16
C GLU A 11 9.24 4.27 2.79
N ILE A 12 9.07 5.27 1.93
CA ILE A 12 8.66 6.61 2.37
C ILE A 12 7.33 7.04 1.73
N SER A 13 6.62 6.10 1.07
CA SER A 13 5.34 6.42 0.43
C SER A 13 4.27 5.38 0.74
N ILE A 14 3.13 5.86 1.24
CA ILE A 14 1.98 5.00 1.59
C ILE A 14 0.65 5.77 1.43
N PRO A 15 -0.40 5.15 0.82
CA PRO A 15 -1.72 5.79 0.69
C PRO A 15 -2.52 5.74 2.02
N PRO A 16 -3.83 6.14 2.09
CA PRO A 16 -4.59 6.11 3.35
C PRO A 16 -5.04 4.70 3.75
N CYS A 17 -5.66 3.97 2.80
CA CYS A 17 -6.18 2.59 2.99
C CYS A 17 -6.97 2.43 4.31
N CYS A 18 -8.30 2.46 4.19
CA CYS A 18 -9.20 2.33 5.35
C CYS A 18 -9.57 0.87 5.59
N SER A 19 -9.66 0.10 4.51
CA SER A 19 -10.01 -1.32 4.57
C SER A 19 -9.04 -2.17 3.76
N ASN A 20 -8.29 -1.52 2.86
CA ASN A 20 -7.32 -2.18 2.00
C ASN A 20 -5.97 -2.32 2.72
N PHE A 21 -4.97 -2.86 2.00
CA PHE A 21 -3.64 -3.06 2.56
C PHE A 21 -2.57 -2.30 1.79
N CYS A 22 -1.48 -1.98 2.48
CA CYS A 22 -0.35 -1.29 1.87
C CYS A 22 0.86 -2.22 2.01
N LEU A 23 1.29 -2.77 0.87
CA LEU A 23 2.42 -3.71 0.84
C LEU A 23 3.78 -3.01 0.97
N ARG A 24 3.88 -2.21 2.03
CA ARG A 24 5.10 -1.47 2.36
C ARG A 24 5.96 -2.33 3.31
N TYR A 25 6.24 -3.57 2.84
CA TYR A 25 7.03 -4.56 3.61
C TYR A 25 8.49 -4.12 3.77
N ALA A 26 9.16 -4.67 4.79
CA ALA A 26 10.57 -4.35 5.08
C ALA A 26 11.52 -4.95 4.03
N GLY A 27 11.07 -6.01 3.37
CA GLY A 27 11.87 -6.66 2.34
C GLY A 27 11.44 -6.27 0.94
N GLN A 28 10.51 -5.32 0.84
CA GLN A 28 9.99 -4.84 -0.44
C GLN A 28 10.09 -3.32 -0.54
N LYS A 29 10.19 -2.82 -1.77
CA LYS A 29 10.29 -1.38 -2.03
C LYS A 29 9.22 -0.92 -3.03
N SER A 30 8.20 -1.78 -3.25
CA SER A 30 7.11 -1.49 -4.18
C SER A 30 5.88 -2.34 -3.86
N GLY A 31 5.04 -1.83 -2.95
CA GLY A 31 3.84 -2.54 -2.56
C GLY A 31 2.61 -2.05 -3.32
N THR A 32 1.41 -2.45 -2.88
CA THR A 32 0.19 -2.04 -3.57
C THR A 32 -1.03 -2.07 -2.65
N CYS A 33 -1.63 -0.88 -2.43
CA CYS A 33 -2.85 -0.78 -1.63
C CYS A 33 -4.01 -1.38 -2.42
N ALA A 34 -4.46 -2.54 -1.94
CA ALA A 34 -5.52 -3.32 -2.56
C ALA A 34 -6.43 -3.93 -1.50
N ASN A 35 -7.61 -4.39 -1.91
CA ASN A 35 -8.58 -4.98 -0.98
C ASN A 35 -8.49 -6.50 -0.96
N ARG A 36 -8.50 -7.07 0.25
CA ARG A 36 -8.42 -8.52 0.43
C ARG A 36 -9.80 -9.10 0.71
N CYS A 2 -11.13 5.18 2.05
CA CYS A 2 -10.02 6.09 1.75
C CYS A 2 -8.91 5.38 0.94
N LYS A 3 -9.07 4.07 0.71
CA LYS A 3 -8.09 3.27 -0.06
C LYS A 3 -8.26 3.50 -1.57
N PRO A 4 -7.17 3.51 -2.38
CA PRO A 4 -7.23 3.72 -3.82
C PRO A 4 -7.36 2.42 -4.64
N ASN A 5 -7.05 1.29 -3.99
CA ASN A 5 -7.06 -0.07 -4.60
C ASN A 5 -6.41 -0.08 -5.99
N GLY A 6 -5.11 -0.35 -5.99
CA GLY A 6 -4.34 -0.39 -7.23
C GLY A 6 -3.19 0.62 -7.21
N ALA A 7 -2.87 1.14 -6.01
CA ALA A 7 -1.80 2.13 -5.84
C ALA A 7 -0.50 1.45 -5.40
N LYS A 8 0.58 2.23 -5.30
CA LYS A 8 1.89 1.70 -4.90
C LYS A 8 2.35 2.23 -3.55
N CYS A 9 3.05 1.37 -2.81
CA CYS A 9 3.61 1.69 -1.51
C CYS A 9 5.13 1.62 -1.57
N THR A 10 5.81 2.43 -0.74
CA THR A 10 7.26 2.48 -0.69
C THR A 10 7.76 2.80 0.71
N GLU A 11 9.06 2.56 0.94
CA GLU A 11 9.72 2.80 2.25
C GLU A 11 9.49 4.22 2.78
N ILE A 12 9.20 5.16 1.88
CA ILE A 12 8.97 6.56 2.24
C ILE A 12 7.57 7.06 1.86
N SER A 13 6.78 6.23 1.15
CA SER A 13 5.43 6.65 0.74
C SER A 13 4.39 5.55 0.96
N ILE A 14 3.19 5.97 1.39
CA ILE A 14 2.07 5.07 1.64
C ILE A 14 0.72 5.80 1.45
N PRO A 15 -0.29 5.14 0.80
CA PRO A 15 -1.63 5.73 0.61
C PRO A 15 -2.45 5.72 1.93
N PRO A 16 -3.76 6.14 1.96
CA PRO A 16 -4.54 6.14 3.21
C PRO A 16 -5.01 4.74 3.62
N CYS A 17 -5.74 4.05 2.71
CA CYS A 17 -6.27 2.69 2.92
C CYS A 17 -6.97 2.52 4.27
N CYS A 18 -8.31 2.53 4.24
CA CYS A 18 -9.13 2.39 5.43
C CYS A 18 -9.57 0.93 5.63
N SER A 19 -9.57 0.16 4.54
CA SER A 19 -9.96 -1.26 4.59
C SER A 19 -9.01 -2.14 3.79
N ASN A 20 -8.31 -1.52 2.83
CA ASN A 20 -7.36 -2.24 1.97
C ASN A 20 -6.00 -2.38 2.67
N PHE A 21 -5.00 -2.90 1.94
CA PHE A 21 -3.66 -3.10 2.51
C PHE A 21 -2.60 -2.32 1.74
N CYS A 22 -1.52 -2.00 2.45
CA CYS A 22 -0.39 -1.29 1.86
C CYS A 22 0.83 -2.19 2.00
N LEU A 23 1.30 -2.72 0.88
CA LEU A 23 2.44 -3.63 0.84
C LEU A 23 3.79 -2.91 1.02
N ARG A 24 3.89 -2.19 2.14
CA ARG A 24 5.09 -1.46 2.52
C ARG A 24 5.93 -2.34 3.45
N TYR A 25 6.22 -3.57 2.98
CA TYR A 25 7.00 -4.56 3.73
C TYR A 25 8.48 -4.17 3.85
N ALA A 26 9.17 -4.75 4.84
CA ALA A 26 10.59 -4.49 5.08
C ALA A 26 11.49 -5.05 3.96
N GLY A 27 10.98 -6.04 3.25
CA GLY A 27 11.71 -6.66 2.16
C GLY A 27 11.28 -6.14 0.80
N GLN A 28 10.16 -5.39 0.76
CA GLN A 28 9.63 -4.82 -0.48
C GLN A 28 10.00 -3.35 -0.61
N LYS A 29 10.09 -2.89 -1.86
CA LYS A 29 10.43 -1.50 -2.15
C LYS A 29 9.35 -0.84 -3.03
N SER A 30 8.26 -1.58 -3.27
CA SER A 30 7.14 -1.12 -4.10
C SER A 30 5.92 -2.03 -3.89
N GLY A 31 5.11 -1.68 -2.89
CA GLY A 31 3.92 -2.45 -2.59
C GLY A 31 2.70 -1.95 -3.33
N THR A 32 1.50 -2.39 -2.91
CA THR A 32 0.27 -1.98 -3.57
C THR A 32 -0.94 -2.03 -2.63
N CYS A 33 -1.62 -0.87 -2.50
CA CYS A 33 -2.83 -0.80 -1.69
C CYS A 33 -3.98 -1.44 -2.48
N ALA A 34 -4.39 -2.61 -1.98
CA ALA A 34 -5.42 -3.43 -2.59
C ALA A 34 -6.36 -3.98 -1.52
N ASN A 35 -7.55 -4.38 -1.94
CA ASN A 35 -8.57 -4.89 -1.01
C ASN A 35 -8.50 -6.41 -0.87
N ARG A 36 -8.64 -6.86 0.40
CA ARG A 36 -8.60 -8.28 0.75
C ARG A 36 -9.94 -8.99 0.42
N CYS A 2 -11.24 5.57 1.71
CA CYS A 2 -9.90 6.13 1.91
C CYS A 2 -8.85 5.39 1.09
N LYS A 3 -9.12 4.12 0.76
CA LYS A 3 -8.19 3.29 -0.03
C LYS A 3 -8.31 3.59 -1.53
N PRO A 4 -7.17 3.61 -2.30
CA PRO A 4 -7.20 3.88 -3.75
C PRO A 4 -7.29 2.60 -4.60
N ASN A 5 -6.99 1.45 -3.96
CA ASN A 5 -6.98 0.10 -4.60
C ASN A 5 -6.27 0.12 -5.96
N GLY A 6 -5.00 -0.30 -5.94
CA GLY A 6 -4.18 -0.32 -7.13
C GLY A 6 -3.05 0.70 -7.08
N ALA A 7 -2.78 1.23 -5.87
CA ALA A 7 -1.72 2.22 -5.66
C ALA A 7 -0.42 1.56 -5.23
N LYS A 8 0.67 2.35 -5.14
CA LYS A 8 1.97 1.82 -4.74
C LYS A 8 2.28 2.15 -3.28
N CYS A 9 3.04 1.25 -2.65
CA CYS A 9 3.45 1.40 -1.25
C CYS A 9 4.98 1.30 -1.13
N THR A 10 5.65 2.45 -1.25
CA THR A 10 7.11 2.51 -1.16
C THR A 10 7.56 2.68 0.31
N GLU A 11 8.86 2.42 0.55
CA GLU A 11 9.47 2.51 1.89
C GLU A 11 9.17 3.84 2.61
N ILE A 12 9.02 4.90 1.84
CA ILE A 12 8.74 6.23 2.38
C ILE A 12 7.40 6.76 1.85
N SER A 13 6.66 5.94 1.08
CA SER A 13 5.36 6.36 0.53
C SER A 13 4.28 5.33 0.79
N ILE A 14 3.15 5.80 1.34
CA ILE A 14 2.00 4.94 1.64
C ILE A 14 0.67 5.70 1.51
N PRO A 15 -0.38 5.10 0.90
CA PRO A 15 -1.71 5.75 0.76
C PRO A 15 -2.49 5.70 2.10
N PRO A 16 -3.80 6.13 2.18
CA PRO A 16 -4.56 6.10 3.45
C PRO A 16 -5.06 4.69 3.82
N CYS A 17 -5.72 4.03 2.85
CA CYS A 17 -6.30 2.66 3.00
C CYS A 17 -7.14 2.52 4.28
N CYS A 18 -8.47 2.50 4.10
CA CYS A 18 -9.41 2.37 5.22
C CYS A 18 -9.80 0.91 5.48
N SER A 19 -9.79 0.10 4.41
CA SER A 19 -10.14 -1.32 4.51
C SER A 19 -9.14 -2.19 3.73
N ASN A 20 -8.40 -1.54 2.82
CA ASN A 20 -7.40 -2.23 2.00
C ASN A 20 -6.08 -2.40 2.76
N PHE A 21 -5.03 -2.86 2.06
CA PHE A 21 -3.72 -3.07 2.67
C PHE A 21 -2.65 -2.21 2.02
N CYS A 22 -1.46 -2.24 2.61
CA CYS A 22 -0.30 -1.52 2.09
C CYS A 22 0.89 -2.47 2.09
N LEU A 23 1.36 -2.81 0.89
CA LEU A 23 2.47 -3.75 0.73
C LEU A 23 3.84 -3.06 0.92
N ARG A 24 3.92 -2.31 2.01
CA ARG A 24 5.13 -1.59 2.41
C ARG A 24 5.97 -2.50 3.32
N TYR A 25 6.23 -3.72 2.81
CA TYR A 25 7.00 -4.75 3.52
C TYR A 25 8.45 -4.32 3.77
N ALA A 26 9.09 -4.96 4.76
CA ALA A 26 10.49 -4.67 5.12
C ALA A 26 11.48 -5.12 4.05
N GLY A 27 11.02 -6.01 3.16
CA GLY A 27 11.87 -6.52 2.09
C GLY A 27 11.38 -6.10 0.71
N GLN A 28 10.54 -5.05 0.67
CA GLN A 28 9.99 -4.53 -0.58
C GLN A 28 10.14 -3.01 -0.66
N LYS A 29 10.20 -2.50 -1.88
CA LYS A 29 10.34 -1.06 -2.13
C LYS A 29 9.26 -0.57 -3.12
N SER A 30 8.21 -1.39 -3.30
CA SER A 30 7.11 -1.06 -4.21
C SER A 30 5.90 -1.97 -3.92
N GLY A 31 5.12 -1.56 -2.93
CA GLY A 31 3.93 -2.32 -2.55
C GLY A 31 2.68 -1.84 -3.25
N THR A 32 1.50 -2.26 -2.78
CA THR A 32 0.25 -1.85 -3.43
C THR A 32 -0.95 -1.95 -2.48
N CYS A 33 -1.68 -0.84 -2.38
CA CYS A 33 -2.90 -0.79 -1.58
C CYS A 33 -4.04 -1.40 -2.38
N ALA A 34 -4.51 -2.54 -1.88
CA ALA A 34 -5.56 -3.35 -2.51
C ALA A 34 -6.40 -4.06 -1.44
N ASN A 35 -7.48 -4.72 -1.86
CA ASN A 35 -8.36 -5.43 -0.92
C ASN A 35 -7.82 -6.81 -0.58
N ARG A 36 -8.09 -7.25 0.67
CA ARG A 36 -7.64 -8.55 1.15
C ARG A 36 -8.77 -9.57 1.09
#